data_8EBR
#
_entry.id   8EBR
#
_cell.length_a   80.180
_cell.length_b   98.540
_cell.length_c   112.310
_cell.angle_alpha   90.00
_cell.angle_beta   108.93
_cell.angle_gamma   90.00
#
_symmetry.space_group_name_H-M   'P 1 21 1'
#
loop_
_entity.id
_entity.type
_entity.pdbx_description
1 polymer Beta-lactamase
2 non-polymer 'PHOSPHATE ION'
3 non-polymer SULBACTAM
4 non-polymer 'TRANS-ENAMINE INTERMEDIATE OF SULBACTAM'
5 water water
#
_entity_poly.entity_id   1
_entity_poly.type   'polypeptide(L)'
_entity_poly.pdbx_seq_one_letter_code
;GADLADRFAELERRYDARLGVYVPATGTTAAIEYRADERFAFCSTFKAPLVAAVLHQNPLTHLDKLITYTSDDIRSISPV
AQQHVQTGMTIGQLCDAAIRYSDGTAANLLLADLGGPGGGTAAFTGYLRSLGDTVSRLDAEEPELNRDPPGDERDTTTPH
AIALVLQQLVLGNALPPDKRALLTDWMARNTTGAKRIRAGFPADWKVIDKTGTGDYGRANDIAVVWSPTGVPYVVAVMSD
RAGGGYDAEPREALLAEAATCVAGVLA
;
_entity_poly.pdbx_strand_id   A,B,C,D
#
loop_
_chem_comp.id
_chem_comp.type
_chem_comp.name
_chem_comp.formula
0RN non-polymer SULBACTAM 'C8 H11 N O5 S'
PO4 non-polymer 'PHOSPHATE ION' 'O4 P -3'
TSL non-polymer 'TRANS-ENAMINE INTERMEDIATE OF SULBACTAM' 'C8 H13 N O5 S'
#
# COMPACT_ATOMS: atom_id res chain seq x y z
N ASP A 3 30.25 -14.47 -12.99
CA ASP A 3 30.58 -13.27 -13.74
C ASP A 3 29.31 -12.59 -14.25
N LEU A 4 29.17 -11.29 -13.97
CA LEU A 4 27.94 -10.59 -14.33
C LEU A 4 27.83 -10.38 -15.84
N ALA A 5 28.95 -10.19 -16.54
CA ALA A 5 28.87 -10.00 -17.98
C ALA A 5 28.34 -11.23 -18.71
N ASP A 6 28.28 -12.38 -18.04
CA ASP A 6 27.66 -13.56 -18.63
C ASP A 6 26.14 -13.44 -18.65
N ARG A 7 25.56 -12.83 -17.62
CA ARG A 7 24.12 -12.65 -17.60
C ARG A 7 23.67 -11.63 -18.64
N PHE A 8 24.44 -10.56 -18.84
CA PHE A 8 24.07 -9.54 -19.82
C PHE A 8 24.03 -10.13 -21.23
N ALA A 9 25.04 -10.93 -21.59
CA ALA A 9 25.03 -11.58 -22.90
C ALA A 9 23.94 -12.64 -22.96
N GLU A 10 23.58 -13.22 -21.82
CA GLU A 10 22.44 -14.14 -21.80
C GLU A 10 21.14 -13.38 -22.05
N LEU A 11 21.04 -12.18 -21.49
CA LEU A 11 19.84 -11.37 -21.73
C LEU A 11 19.79 -10.87 -23.16
N GLU A 12 20.96 -10.59 -23.75
CA GLU A 12 21.01 -10.18 -25.14
C GLU A 12 20.47 -11.28 -26.05
N ARG A 13 20.91 -12.52 -25.83
CA ARG A 13 20.45 -13.63 -26.66
C ARG A 13 18.96 -13.91 -26.44
N ARG A 14 18.51 -13.85 -25.19
CA ARG A 14 17.10 -14.17 -24.90
C ARG A 14 16.15 -13.16 -25.53
N TYR A 15 16.56 -11.89 -25.60
CA TYR A 15 15.70 -10.84 -26.13
C TYR A 15 16.07 -10.42 -27.55
N ASP A 16 17.11 -11.02 -28.14
CA ASP A 16 17.54 -10.71 -29.50
C ASP A 16 17.86 -9.22 -29.65
N ALA A 17 18.71 -8.72 -28.76
CA ALA A 17 19.02 -7.30 -28.71
C ALA A 17 20.48 -7.11 -28.34
N ARG A 18 20.93 -5.86 -28.41
CA ARG A 18 22.25 -5.45 -27.98
C ARG A 18 22.09 -4.57 -26.75
N LEU A 19 22.69 -4.98 -25.64
CA LEU A 19 22.48 -4.33 -24.35
C LEU A 19 23.73 -3.55 -23.95
N GLY A 20 23.53 -2.34 -23.45
CA GLY A 20 24.61 -1.52 -22.93
C GLY A 20 24.31 -1.03 -21.52
N VAL A 21 25.21 -1.34 -20.58
CA VAL A 21 25.01 -1.00 -19.18
C VAL A 21 26.27 -0.31 -18.65
N TYR A 22 26.08 0.75 -17.87
CA TYR A 22 27.19 1.36 -17.17
C TYR A 22 26.70 1.96 -15.86
N VAL A 23 27.40 1.63 -14.77
CA VAL A 23 27.13 2.20 -13.46
C VAL A 23 28.46 2.76 -12.96
N PRO A 24 28.62 4.08 -12.91
CA PRO A 24 29.87 4.66 -12.42
C PRO A 24 30.22 4.13 -11.03
N ALA A 25 31.50 3.83 -10.82
CA ALA A 25 31.92 3.27 -9.55
C ALA A 25 31.78 4.30 -8.44
N THR A 26 31.29 3.85 -7.30
CA THR A 26 31.20 4.67 -6.10
C THR A 26 32.40 4.41 -5.22
N GLY A 27 32.41 5.02 -4.03
CA GLY A 27 33.51 4.79 -3.09
C GLY A 27 33.58 3.38 -2.55
N THR A 28 32.46 2.66 -2.52
CA THR A 28 32.40 1.33 -1.93
C THR A 28 32.38 0.21 -2.98
N THR A 29 31.65 0.38 -4.08
CA THR A 29 31.51 -0.65 -5.09
C THR A 29 32.31 -0.29 -6.34
N ALA A 30 32.54 -1.31 -7.17
CA ALA A 30 33.23 -1.14 -8.43
C ALA A 30 32.25 -0.78 -9.53
N ALA A 31 32.78 -0.38 -10.68
CA ALA A 31 31.94 0.06 -11.80
C ALA A 31 31.43 -1.13 -12.58
N ILE A 32 30.17 -1.06 -12.99
CA ILE A 32 29.55 -2.09 -13.82
C ILE A 32 29.64 -1.64 -15.27
N GLU A 33 30.16 -2.51 -16.13
CA GLU A 33 30.38 -2.18 -17.53
C GLU A 33 29.93 -3.31 -18.42
N TYR A 34 29.16 -2.98 -19.45
CA TYR A 34 28.82 -3.94 -20.50
C TYR A 34 28.48 -3.14 -21.75
N ARG A 35 29.35 -3.20 -22.76
CA ARG A 35 29.23 -2.37 -23.96
C ARG A 35 29.11 -0.89 -23.58
N ALA A 36 29.79 -0.50 -22.50
CA ALA A 36 29.62 0.83 -21.94
C ALA A 36 30.18 1.91 -22.85
N ASP A 37 31.19 1.59 -23.64
CA ASP A 37 31.81 2.55 -24.56
C ASP A 37 31.34 2.36 -26.00
N GLU A 38 30.29 1.57 -26.20
CA GLU A 38 29.66 1.46 -27.51
C GLU A 38 28.57 2.51 -27.63
N ARG A 39 28.36 2.98 -28.86
CA ARG A 39 27.44 4.08 -29.10
C ARG A 39 26.01 3.57 -29.24
N PHE A 40 25.10 4.18 -28.49
CA PHE A 40 23.67 3.98 -28.65
C PHE A 40 23.00 5.31 -28.98
N ALA A 41 21.80 5.23 -29.56
CA ALA A 41 21.08 6.44 -29.92
C ALA A 41 20.57 7.16 -28.69
N PHE A 42 20.66 8.49 -28.71
CA PHE A 42 20.15 9.30 -27.60
C PHE A 42 18.69 9.00 -27.33
N CYS A 43 17.86 9.07 -28.38
CA CYS A 43 16.40 8.97 -28.28
C CYS A 43 15.94 10.06 -27.30
N SER A 44 14.94 9.80 -26.48
CA SER A 44 14.38 10.83 -25.61
C SER A 44 15.23 11.11 -24.38
N THR A 45 16.33 10.37 -24.17
CA THR A 45 17.13 10.58 -22.96
C THR A 45 17.89 11.90 -23.00
N PHE A 46 18.11 12.48 -24.19
CA PHE A 46 18.80 13.76 -24.28
C PHE A 46 18.02 14.90 -23.65
N LYS A 47 16.71 14.71 -23.43
CA LYS A 47 15.90 15.77 -22.85
C LYS A 47 16.30 16.06 -21.40
N ALA A 48 16.99 15.13 -20.73
CA ALA A 48 17.42 15.41 -19.36
C ALA A 48 18.54 16.44 -19.32
N PRO A 49 19.68 16.24 -20.01
CA PRO A 49 20.69 17.32 -20.03
C PRO A 49 20.25 18.55 -20.80
N LEU A 50 19.22 18.45 -21.64
CA LEU A 50 18.71 19.63 -22.32
C LEU A 50 18.10 20.61 -21.33
N VAL A 51 17.27 20.11 -20.41
CA VAL A 51 16.69 20.97 -19.38
C VAL A 51 17.78 21.60 -18.54
N ALA A 52 18.77 20.82 -18.14
CA ALA A 52 19.88 21.37 -17.36
C ALA A 52 20.63 22.44 -18.13
N ALA A 53 20.66 22.34 -19.46
CA ALA A 53 21.33 23.36 -20.26
C ALA A 53 20.61 24.70 -20.16
N VAL A 54 19.28 24.70 -20.24
CA VAL A 54 18.54 25.95 -20.12
C VAL A 54 18.71 26.52 -18.73
N LEU A 55 18.63 25.66 -17.70
CA LEU A 55 18.81 26.13 -16.32
C LEU A 55 20.21 26.71 -16.13
N HIS A 56 21.22 26.12 -16.79
CA HIS A 56 22.59 26.57 -16.58
C HIS A 56 22.82 27.95 -17.19
N GLN A 57 22.33 28.17 -18.41
CA GLN A 57 22.62 29.39 -19.14
C GLN A 57 21.64 30.51 -18.85
N ASN A 58 20.57 30.25 -18.11
CA ASN A 58 19.55 31.25 -17.89
C ASN A 58 19.22 31.39 -16.42
N PRO A 59 18.85 32.59 -15.98
CA PRO A 59 18.39 32.77 -14.60
C PRO A 59 17.03 32.12 -14.38
N LEU A 60 16.65 32.04 -13.10
CA LEU A 60 15.39 31.38 -12.75
C LEU A 60 14.18 32.13 -13.31
N THR A 61 14.31 33.45 -13.53
CA THR A 61 13.21 34.22 -14.08
C THR A 61 12.94 33.86 -15.53
N HIS A 62 13.90 33.23 -16.21
CA HIS A 62 13.72 32.82 -17.59
C HIS A 62 12.63 31.76 -17.73
N LEU A 63 12.29 31.06 -16.64
CA LEU A 63 11.26 30.03 -16.68
C LEU A 63 9.86 30.60 -16.88
N ASP A 64 9.68 31.90 -16.65
CA ASP A 64 8.38 32.55 -16.84
C ASP A 64 8.17 33.10 -18.24
N LYS A 65 9.18 33.00 -19.10
CA LYS A 65 9.03 33.50 -20.47
C LYS A 65 8.06 32.63 -21.25
N LEU A 66 7.05 33.26 -21.86
CA LEU A 66 6.02 32.56 -22.62
C LEU A 66 6.44 32.42 -24.07
N ILE A 67 6.32 31.19 -24.60
CA ILE A 67 6.69 30.89 -25.98
C ILE A 67 5.41 30.53 -26.75
N THR A 68 5.17 31.23 -27.85
CA THR A 68 4.04 30.93 -28.73
C THR A 68 4.53 30.14 -29.93
N TYR A 69 3.70 29.22 -30.39
CA TYR A 69 4.06 28.34 -31.50
C TYR A 69 2.82 27.99 -32.29
N THR A 70 3.04 27.52 -33.52
CA THR A 70 1.95 27.17 -34.43
C THR A 70 1.77 25.67 -34.48
N SER A 71 0.68 25.25 -35.14
CA SER A 71 0.42 23.83 -35.35
C SER A 71 1.47 23.18 -36.24
N ASP A 72 2.17 23.97 -37.04
CA ASP A 72 3.21 23.43 -37.91
C ASP A 72 4.45 23.00 -37.13
N ASP A 73 4.59 23.47 -35.89
CA ASP A 73 5.73 23.08 -35.07
C ASP A 73 5.57 21.72 -34.43
N ILE A 74 4.34 21.23 -34.30
CA ILE A 74 4.08 19.92 -33.71
C ILE A 74 4.50 18.84 -34.71
N ARG A 75 5.61 18.15 -34.41
CA ARG A 75 6.13 17.12 -35.31
C ARG A 75 6.38 15.78 -34.62
N SER A 76 6.49 15.73 -33.31
CA SER A 76 6.69 14.49 -32.57
C SER A 76 5.55 14.29 -31.58
N ILE A 77 5.63 13.21 -30.81
CA ILE A 77 4.63 12.91 -29.78
C ILE A 77 4.65 14.04 -28.77
N SER A 78 3.56 14.81 -28.69
CA SER A 78 3.48 15.98 -27.83
C SER A 78 2.13 16.07 -27.15
N PRO A 79 1.93 15.28 -26.09
CA PRO A 79 0.63 15.29 -25.40
C PRO A 79 0.34 16.58 -24.67
N VAL A 80 1.36 17.38 -24.38
CA VAL A 80 1.20 18.62 -23.64
C VAL A 80 1.22 19.83 -24.57
N ALA A 81 2.10 19.82 -25.58
CA ALA A 81 2.18 20.97 -26.46
C ALA A 81 0.95 21.08 -27.37
N GLN A 82 0.31 19.96 -27.70
CA GLN A 82 -0.88 20.00 -28.52
C GLN A 82 -2.06 20.63 -27.79
N GLN A 83 -2.00 20.73 -26.46
CA GLN A 83 -3.08 21.27 -25.67
C GLN A 83 -2.97 22.77 -25.45
N HIS A 84 -1.81 23.36 -25.70
CA HIS A 84 -1.55 24.78 -25.45
C HIS A 84 -1.11 25.50 -26.72
N VAL A 85 -1.67 25.13 -27.87
CA VAL A 85 -1.27 25.76 -29.12
C VAL A 85 -1.74 27.21 -29.19
N GLN A 86 -2.88 27.52 -28.57
CA GLN A 86 -3.41 28.88 -28.63
C GLN A 86 -2.93 29.76 -27.48
N THR A 87 -2.68 29.18 -26.32
CA THR A 87 -2.27 29.95 -25.15
C THR A 87 -0.76 30.09 -25.02
N GLY A 88 0.02 29.16 -25.57
CA GLY A 88 1.45 29.15 -25.39
C GLY A 88 1.87 28.56 -24.06
N MET A 89 3.17 28.25 -23.96
CA MET A 89 3.73 27.63 -22.77
C MET A 89 4.98 28.37 -22.33
N THR A 90 5.17 28.46 -21.02
CA THR A 90 6.38 29.06 -20.49
C THR A 90 7.52 28.04 -20.49
N ILE A 91 8.75 28.57 -20.46
CA ILE A 91 9.93 27.71 -20.49
C ILE A 91 9.86 26.67 -19.37
N GLY A 92 9.32 27.05 -18.22
CA GLY A 92 9.14 26.09 -17.14
C GLY A 92 8.23 24.93 -17.53
N GLN A 93 7.10 25.25 -18.15
CA GLN A 93 6.21 24.19 -18.60
C GLN A 93 6.85 23.34 -19.69
N LEU A 94 7.66 23.95 -20.56
CA LEU A 94 8.38 23.17 -21.55
C LEU A 94 9.36 22.20 -20.87
N CYS A 95 9.96 22.63 -19.75
CA CYS A 95 10.83 21.75 -18.99
C CYS A 95 10.06 20.61 -18.36
N ASP A 96 8.93 20.92 -17.73
CA ASP A 96 8.11 19.89 -17.09
C ASP A 96 7.64 18.87 -18.13
N ALA A 97 7.22 19.34 -19.30
CA ALA A 97 6.75 18.43 -20.34
C ALA A 97 7.89 17.63 -20.95
N ALA A 98 9.08 18.23 -21.07
CA ALA A 98 10.18 17.54 -21.73
C ALA A 98 10.73 16.38 -20.89
N ILE A 99 10.57 16.43 -19.58
CA ILE A 99 11.12 15.40 -18.71
C ILE A 99 10.04 14.39 -18.35
N ARG A 100 8.93 14.88 -17.77
CA ARG A 100 7.93 13.98 -17.20
C ARG A 100 7.14 13.25 -18.28
N TYR A 101 6.73 13.95 -19.33
CA TYR A 101 5.95 13.36 -20.40
C TYR A 101 6.73 13.16 -21.69
N SER A 102 8.03 13.47 -21.70
CA SER A 102 8.89 13.26 -22.86
C SER A 102 8.33 13.93 -24.11
N ASP A 103 7.78 15.13 -23.95
CA ASP A 103 7.16 15.84 -25.06
C ASP A 103 8.21 16.16 -26.12
N GLY A 104 7.91 15.82 -27.37
CA GLY A 104 8.89 16.03 -28.43
C GLY A 104 9.08 17.49 -28.80
N THR A 105 7.98 18.17 -29.14
CA THR A 105 8.10 19.57 -29.53
C THR A 105 8.54 20.45 -28.35
N ALA A 106 8.20 20.07 -27.12
CA ALA A 106 8.72 20.81 -25.98
C ALA A 106 10.24 20.75 -25.95
N ALA A 107 10.81 19.62 -26.34
CA ALA A 107 12.26 19.52 -26.43
C ALA A 107 12.79 20.35 -27.58
N ASN A 108 12.07 20.34 -28.71
CA ASN A 108 12.49 21.13 -29.86
C ASN A 108 12.46 22.61 -29.55
N LEU A 109 11.47 23.05 -28.76
CA LEU A 109 11.40 24.45 -28.38
C LEU A 109 12.53 24.80 -27.41
N LEU A 110 12.85 23.89 -26.49
CA LEU A 110 13.98 24.12 -25.60
C LEU A 110 15.29 24.15 -26.38
N LEU A 111 15.41 23.29 -27.40
CA LEU A 111 16.58 23.33 -28.27
C LEU A 111 16.69 24.69 -28.94
N ALA A 112 15.57 25.24 -29.39
CA ALA A 112 15.58 26.58 -29.98
C ALA A 112 15.97 27.63 -28.95
N ASP A 113 15.56 27.45 -27.70
CA ASP A 113 15.95 28.40 -26.67
C ASP A 113 17.45 28.38 -26.43
N LEU A 114 18.11 27.25 -26.67
CA LEU A 114 19.58 27.25 -26.63
C LEU A 114 20.15 28.12 -27.73
N GLY A 115 19.46 28.19 -28.88
CA GLY A 115 19.89 29.03 -29.98
C GLY A 115 21.09 28.48 -30.73
N GLY A 116 21.44 29.10 -31.84
CA GLY A 116 22.60 28.71 -32.59
C GLY A 116 22.25 27.97 -33.87
N PRO A 117 23.26 27.38 -34.50
CA PRO A 117 23.05 26.68 -35.78
C PRO A 117 22.33 25.35 -35.57
N GLY A 118 21.65 24.92 -36.62
CA GLY A 118 20.94 23.65 -36.58
C GLY A 118 19.85 23.60 -35.54
N GLY A 119 19.19 24.73 -35.28
CA GLY A 119 18.14 24.73 -34.28
C GLY A 119 18.61 24.53 -32.86
N GLY A 120 19.90 24.76 -32.60
CA GLY A 120 20.43 24.65 -31.25
C GLY A 120 21.12 23.33 -30.94
N THR A 121 21.19 22.40 -31.88
CA THR A 121 21.91 21.15 -31.63
C THR A 121 23.40 21.39 -31.45
N ALA A 122 23.97 22.36 -32.16
CA ALA A 122 25.38 22.66 -31.99
C ALA A 122 25.64 23.23 -30.60
N ALA A 123 24.74 24.09 -30.11
CA ALA A 123 24.91 24.63 -28.77
C ALA A 123 24.73 23.55 -27.72
N PHE A 124 23.82 22.60 -27.96
CA PHE A 124 23.56 21.53 -26.99
C PHE A 124 24.78 20.62 -26.83
N THR A 125 25.34 20.16 -27.94
CA THR A 125 26.56 19.35 -27.85
C THR A 125 27.68 20.13 -27.16
N GLY A 126 27.74 21.44 -27.40
CA GLY A 126 28.74 22.24 -26.73
C GLY A 126 28.57 22.21 -25.23
N TYR A 127 27.32 22.15 -24.75
CA TYR A 127 27.08 22.06 -23.32
C TYR A 127 27.57 20.72 -22.77
N LEU A 128 27.38 19.64 -23.54
CA LEU A 128 27.90 18.34 -23.11
C LEU A 128 29.41 18.35 -23.02
N ARG A 129 30.07 19.13 -23.88
CA ARG A 129 31.53 19.21 -23.84
C ARG A 129 32.03 19.89 -22.57
N SER A 130 31.26 20.85 -22.03
CA SER A 130 31.68 21.53 -20.81
C SER A 130 31.66 20.59 -19.61
N LEU A 131 30.87 19.53 -19.64
CA LEU A 131 30.85 18.53 -18.58
C LEU A 131 31.93 17.47 -18.76
N GLY A 132 32.81 17.63 -19.76
CA GLY A 132 33.87 16.68 -20.03
C GLY A 132 33.51 15.56 -20.99
N ASP A 133 32.31 15.58 -21.56
CA ASP A 133 31.86 14.53 -22.46
C ASP A 133 32.18 14.91 -23.90
N THR A 134 33.20 14.28 -24.47
CA THR A 134 33.61 14.54 -25.85
C THR A 134 33.15 13.44 -26.82
N VAL A 135 32.16 12.64 -26.43
CA VAL A 135 31.70 11.51 -27.22
C VAL A 135 30.31 11.74 -27.77
N SER A 136 29.37 12.14 -26.93
CA SER A 136 27.99 12.28 -27.37
C SER A 136 27.86 13.45 -28.35
N ARG A 137 26.76 13.44 -29.09
CA ARG A 137 26.52 14.49 -30.07
C ARG A 137 25.07 14.43 -30.52
N LEU A 138 24.45 15.60 -30.64
CA LEU A 138 23.10 15.72 -31.14
C LEU A 138 23.15 16.49 -32.45
N ASP A 139 22.59 15.91 -33.50
CA ASP A 139 22.64 16.51 -34.83
C ASP A 139 21.29 16.88 -35.40
N ALA A 140 20.23 16.18 -35.05
CA ALA A 140 18.89 16.42 -35.58
C ALA A 140 17.95 16.87 -34.46
N GLU A 141 16.71 17.17 -34.85
CA GLU A 141 15.64 17.51 -33.93
C GLU A 141 14.63 16.37 -33.87
N GLU A 142 13.56 16.58 -33.08
CA GLU A 142 12.54 15.56 -33.01
C GLU A 142 11.65 15.63 -34.26
N PRO A 143 11.27 14.47 -34.83
CA PRO A 143 11.64 13.14 -34.36
C PRO A 143 12.74 12.44 -35.18
N GLU A 144 13.56 13.22 -35.88
CA GLU A 144 14.57 12.61 -36.75
C GLU A 144 15.68 11.94 -35.96
N LEU A 145 16.00 12.45 -34.76
CA LEU A 145 17.11 11.90 -33.99
C LEU A 145 16.87 10.47 -33.53
N ASN A 146 15.65 9.96 -33.68
CA ASN A 146 15.33 8.60 -33.28
C ASN A 146 15.47 7.59 -34.41
N ARG A 147 15.38 8.04 -35.67
CA ARG A 147 15.34 7.15 -36.81
C ARG A 147 16.66 7.12 -37.59
N ASP A 148 17.76 7.48 -36.95
CA ASP A 148 19.06 7.30 -37.59
C ASP A 148 19.33 5.81 -37.78
N PRO A 149 19.97 5.43 -38.88
CA PRO A 149 20.25 4.00 -39.09
C PRO A 149 21.33 3.51 -38.15
N PRO A 150 21.37 2.22 -37.85
CA PRO A 150 22.45 1.69 -37.02
C PRO A 150 23.81 1.93 -37.66
N GLY A 151 24.84 2.01 -36.82
CA GLY A 151 26.17 2.33 -37.26
C GLY A 151 26.44 3.79 -37.49
N ASP A 152 25.40 4.62 -37.65
CA ASP A 152 25.57 6.05 -37.83
C ASP A 152 25.84 6.70 -36.48
N GLU A 153 26.86 7.55 -36.43
CA GLU A 153 27.26 8.18 -35.18
C GLU A 153 26.48 9.43 -34.85
N ARG A 154 25.60 9.89 -35.73
CA ARG A 154 24.79 11.08 -35.45
C ARG A 154 23.72 10.77 -34.42
N ASP A 155 23.53 11.71 -33.48
CA ASP A 155 22.49 11.62 -32.46
C ASP A 155 22.69 10.38 -31.57
N THR A 156 23.94 10.12 -31.21
CA THR A 156 24.29 8.96 -30.41
C THR A 156 25.08 9.38 -29.18
N THR A 157 24.97 8.56 -28.13
CA THR A 157 25.81 8.69 -26.95
C THR A 157 26.31 7.31 -26.54
N THR A 158 26.97 7.20 -25.39
CA THR A 158 27.35 5.89 -24.88
C THR A 158 26.94 5.78 -23.42
N PRO A 159 26.64 4.57 -22.93
CA PRO A 159 26.31 4.41 -21.52
C PRO A 159 27.38 4.95 -20.58
N HIS A 160 28.65 4.87 -20.98
CA HIS A 160 29.72 5.46 -20.19
C HIS A 160 29.59 6.98 -20.15
N ALA A 161 29.32 7.60 -21.31
CA ALA A 161 29.31 9.05 -21.39
C ALA A 161 28.07 9.63 -20.74
N ILE A 162 26.90 9.05 -21.02
CA ILE A 162 25.66 9.62 -20.50
C ILE A 162 25.55 9.42 -18.99
N ALA A 163 26.10 8.33 -18.46
CA ALA A 163 26.03 8.10 -17.01
C ALA A 163 26.82 9.14 -16.25
N LEU A 164 28.04 9.45 -16.71
CA LEU A 164 28.85 10.44 -16.02
C LEU A 164 28.27 11.83 -16.14
N VAL A 165 27.59 12.12 -17.25
CA VAL A 165 26.89 13.40 -17.39
C VAL A 165 25.79 13.51 -16.35
N LEU A 166 24.97 12.46 -16.25
CA LEU A 166 23.87 12.45 -15.28
C LEU A 166 24.38 12.54 -13.85
N GLN A 167 25.55 11.97 -13.57
CA GLN A 167 26.11 12.02 -12.23
C GLN A 167 26.45 13.45 -11.82
N GLN A 168 27.04 14.23 -12.74
CA GLN A 168 27.39 15.61 -12.41
C GLN A 168 26.15 16.47 -12.26
N LEU A 169 25.07 16.15 -12.96
CA LEU A 169 23.88 17.00 -12.93
C LEU A 169 23.05 16.78 -11.67
N VAL A 170 22.94 15.54 -11.20
CA VAL A 170 22.11 15.21 -10.05
C VAL A 170 22.94 15.10 -8.77
N LEU A 171 24.03 14.33 -8.81
CA LEU A 171 24.85 14.15 -7.62
C LEU A 171 25.95 15.20 -7.51
N GLY A 172 26.56 15.59 -8.64
CA GLY A 172 27.59 16.60 -8.63
C GLY A 172 27.03 18.00 -8.60
N ASN A 173 27.95 18.97 -8.59
CA ASN A 173 27.58 20.39 -8.54
C ASN A 173 27.68 21.03 -9.92
N ALA A 174 27.22 20.35 -10.97
CA ALA A 174 27.16 20.95 -12.29
C ALA A 174 26.04 21.98 -12.42
N LEU A 175 25.18 22.07 -11.42
CA LEU A 175 24.14 23.09 -11.31
C LEU A 175 24.06 23.51 -9.85
N PRO A 176 23.75 24.78 -9.57
CA PRO A 176 23.57 25.19 -8.19
C PRO A 176 22.36 24.48 -7.59
N PRO A 177 22.35 24.27 -6.27
CA PRO A 177 21.29 23.46 -5.66
C PRO A 177 19.88 23.97 -5.93
N ASP A 178 19.70 25.29 -6.10
CA ASP A 178 18.36 25.80 -6.40
C ASP A 178 17.88 25.31 -7.75
N LYS A 179 18.76 25.27 -8.74
CA LYS A 179 18.41 24.75 -10.05
C LYS A 179 18.52 23.23 -10.10
N ARG A 180 19.39 22.66 -9.28
CA ARG A 180 19.53 21.21 -9.23
C ARG A 180 18.26 20.55 -8.70
N ALA A 181 17.56 21.21 -7.76
CA ALA A 181 16.35 20.64 -7.19
C ALA A 181 15.20 20.60 -8.19
N LEU A 182 15.14 21.58 -9.10
CA LEU A 182 14.08 21.59 -10.10
C LEU A 182 14.22 20.41 -11.06
N LEU A 183 15.45 20.13 -11.49
CA LEU A 183 15.67 19.02 -12.40
C LEU A 183 15.30 17.69 -11.76
N THR A 184 15.70 17.48 -10.50
CA THR A 184 15.45 16.21 -9.83
C THR A 184 13.96 15.98 -9.63
N ASP A 185 13.21 17.03 -9.27
CA ASP A 185 11.78 16.86 -9.04
C ASP A 185 11.05 16.47 -10.32
N TRP A 186 11.49 16.97 -11.47
CA TRP A 186 10.87 16.58 -12.73
C TRP A 186 11.14 15.12 -13.05
N MET A 187 12.39 14.68 -12.86
CA MET A 187 12.72 13.27 -13.11
C MET A 187 12.07 12.36 -12.08
N ALA A 188 11.85 12.85 -10.86
CA ALA A 188 11.23 12.02 -9.83
C ALA A 188 9.76 11.74 -10.12
N ARG A 189 9.07 12.68 -10.77
CA ARG A 189 7.67 12.52 -11.11
C ARG A 189 7.47 12.15 -12.58
N ASN A 190 8.48 11.54 -13.19
CA ASN A 190 8.36 11.08 -14.58
C ASN A 190 7.26 10.03 -14.71
N THR A 191 6.61 10.02 -15.87
CA THR A 191 5.49 9.13 -16.12
C THR A 191 5.74 8.14 -17.23
N THR A 192 6.91 8.17 -17.88
CA THR A 192 7.17 7.38 -19.07
C THR A 192 8.08 6.19 -18.82
N GLY A 193 8.54 5.98 -17.58
CA GLY A 193 9.50 4.92 -17.33
C GLY A 193 9.13 3.98 -16.20
N ALA A 194 7.84 3.64 -16.12
CA ALA A 194 7.36 2.77 -15.06
C ALA A 194 7.73 1.31 -15.27
N LYS A 195 8.01 0.91 -16.52
CA LYS A 195 8.21 -0.49 -16.86
C LYS A 195 9.67 -0.81 -17.17
N ARG A 196 10.60 0.04 -16.74
CA ARG A 196 12.00 -0.13 -17.11
C ARG A 196 12.83 -0.22 -15.83
N ILE A 197 13.75 0.72 -15.59
CA ILE A 197 14.62 0.62 -14.43
C ILE A 197 13.82 0.64 -13.13
N ARG A 198 12.73 1.42 -13.11
CA ARG A 198 11.87 1.45 -11.92
C ARG A 198 11.33 0.06 -11.60
N ALA A 199 10.98 -0.71 -12.63
CA ALA A 199 10.41 -2.04 -12.44
C ALA A 199 11.45 -3.11 -12.09
N GLY A 200 12.74 -2.81 -12.27
CA GLY A 200 13.77 -3.79 -12.00
C GLY A 200 14.34 -3.73 -10.60
N PHE A 201 14.13 -2.59 -9.89
CA PHE A 201 14.62 -2.39 -8.54
C PHE A 201 13.50 -2.59 -7.53
N PRO A 202 13.82 -3.08 -6.33
CA PRO A 202 12.80 -3.23 -5.29
C PRO A 202 12.15 -1.90 -4.95
N ALA A 203 10.99 -1.99 -4.28
CA ALA A 203 10.19 -0.80 -4.04
C ALA A 203 10.86 0.17 -3.09
N ASP A 204 11.60 -0.34 -2.09
CA ASP A 204 12.28 0.51 -1.14
C ASP A 204 13.52 1.19 -1.71
N TRP A 205 13.70 1.15 -3.04
CA TRP A 205 14.75 1.89 -3.72
C TRP A 205 14.13 3.10 -4.40
N LYS A 206 14.67 4.28 -4.12
CA LYS A 206 14.23 5.49 -4.81
C LYS A 206 14.80 5.51 -6.22
N VAL A 207 13.98 5.93 -7.19
CA VAL A 207 14.37 5.87 -8.60
C VAL A 207 13.85 7.11 -9.31
N ILE A 208 14.75 7.88 -9.89
CA ILE A 208 14.45 8.94 -10.85
C ILE A 208 15.06 8.53 -12.18
N ASP A 209 14.39 8.89 -13.29
CA ASP A 209 14.85 8.40 -14.58
C ASP A 209 14.32 9.29 -15.70
N LYS A 210 14.94 9.15 -16.86
CA LYS A 210 14.45 9.73 -18.12
C LYS A 210 14.61 8.68 -19.20
N THR A 211 13.50 8.24 -19.77
CA THR A 211 13.54 7.13 -20.72
C THR A 211 13.86 7.63 -22.13
N GLY A 212 14.00 6.67 -23.04
CA GLY A 212 14.23 6.95 -24.43
C GLY A 212 13.79 5.78 -25.28
N THR A 213 13.05 6.04 -26.34
CA THR A 213 12.57 5.00 -27.24
C THR A 213 12.66 5.49 -28.68
N GLY A 214 13.10 4.62 -29.57
CA GLY A 214 13.18 4.97 -30.98
C GLY A 214 12.90 3.80 -31.88
N ASP A 215 13.24 3.95 -33.17
CA ASP A 215 13.09 2.87 -34.12
C ASP A 215 14.21 1.84 -33.91
N TYR A 216 14.19 0.78 -34.73
CA TYR A 216 15.14 -0.32 -34.61
C TYR A 216 15.13 -0.93 -33.22
N GLY A 217 13.97 -0.92 -32.57
CA GLY A 217 13.85 -1.49 -31.24
C GLY A 217 14.67 -0.79 -30.18
N ARG A 218 14.85 0.53 -30.31
CA ARG A 218 15.66 1.27 -29.36
C ARG A 218 14.88 1.53 -28.08
N ALA A 219 15.51 1.26 -26.94
CA ALA A 219 14.89 1.52 -25.63
C ALA A 219 16.00 1.82 -24.65
N ASN A 220 16.02 3.06 -24.13
CA ASN A 220 17.01 3.50 -23.17
C ASN A 220 16.34 3.93 -21.87
N ASP A 221 17.14 4.01 -20.82
CA ASP A 221 16.69 4.58 -19.55
C ASP A 221 17.91 4.94 -18.72
N ILE A 222 18.12 6.24 -18.50
CA ILE A 222 19.18 6.73 -17.62
C ILE A 222 18.52 7.11 -16.30
N ALA A 223 19.12 6.68 -15.19
CA ALA A 223 18.47 6.79 -13.90
C ALA A 223 19.48 7.10 -12.81
N VAL A 224 18.95 7.59 -11.69
CA VAL A 224 19.72 7.77 -10.46
C VAL A 224 18.92 7.09 -9.36
N VAL A 225 19.50 6.04 -8.77
CA VAL A 225 18.80 5.22 -7.79
C VAL A 225 19.41 5.45 -6.41
N TRP A 226 18.60 5.21 -5.38
CA TRP A 226 19.02 5.35 -4.00
C TRP A 226 18.72 4.06 -3.24
N SER A 227 19.74 3.51 -2.59
CA SER A 227 19.55 2.31 -1.78
C SER A 227 18.65 2.62 -0.58
N PRO A 228 18.06 1.59 0.03
CA PRO A 228 17.20 1.84 1.20
C PRO A 228 17.89 2.55 2.34
N THR A 229 19.21 2.45 2.45
CA THR A 229 19.97 3.18 3.45
C THR A 229 20.35 4.60 3.01
N GLY A 230 20.25 4.89 1.72
CA GLY A 230 20.50 6.22 1.21
C GLY A 230 21.76 6.39 0.36
N VAL A 231 22.34 5.30 -0.13
CA VAL A 231 23.54 5.38 -0.96
C VAL A 231 23.11 5.58 -2.41
N PRO A 232 23.55 6.65 -3.07
CA PRO A 232 23.16 6.89 -4.46
C PRO A 232 24.06 6.20 -5.47
N TYR A 233 23.44 5.78 -6.58
CA TYR A 233 24.14 5.21 -7.70
C TYR A 233 23.59 5.81 -8.98
N VAL A 234 24.35 5.68 -10.07
CA VAL A 234 23.94 6.11 -11.39
C VAL A 234 23.88 4.89 -12.29
N VAL A 235 22.74 4.65 -12.93
CA VAL A 235 22.51 3.46 -13.75
C VAL A 235 22.09 3.90 -15.14
N ALA A 236 22.92 3.59 -16.13
CA ALA A 236 22.66 3.90 -17.53
C ALA A 236 22.47 2.59 -18.30
N VAL A 237 21.24 2.35 -18.78
CA VAL A 237 20.90 1.14 -19.51
C VAL A 237 20.33 1.54 -20.86
N MET A 238 20.96 1.10 -21.94
CA MET A 238 20.49 1.37 -23.30
C MET A 238 20.53 0.08 -24.11
N SER A 239 19.65 0.01 -25.11
CA SER A 239 19.56 -1.19 -25.94
C SER A 239 18.88 -0.88 -27.26
N ASP A 240 19.22 -1.66 -28.28
CA ASP A 240 18.53 -1.62 -29.56
C ASP A 240 18.49 -3.03 -30.15
N ARG A 241 17.71 -3.18 -31.22
CA ARG A 241 17.56 -4.45 -31.94
C ARG A 241 17.66 -4.20 -33.45
N ALA A 242 18.82 -3.70 -33.89
CA ALA A 242 19.00 -3.29 -35.28
C ALA A 242 18.75 -4.44 -36.25
N GLY A 243 19.06 -5.67 -35.86
CA GLY A 243 18.90 -6.79 -36.76
C GLY A 243 17.45 -7.10 -37.10
N GLY A 244 16.52 -6.75 -36.22
CA GLY A 244 15.11 -6.97 -36.47
C GLY A 244 14.46 -6.04 -37.47
N GLY A 245 15.17 -5.01 -37.93
CA GLY A 245 14.66 -4.09 -38.93
C GLY A 245 14.30 -2.74 -38.33
N TYR A 246 13.81 -1.87 -39.22
CA TYR A 246 13.39 -0.54 -38.78
C TYR A 246 12.19 -0.62 -37.84
N ASP A 247 11.21 -1.47 -38.16
CA ASP A 247 10.00 -1.59 -37.36
C ASP A 247 10.11 -2.62 -36.24
N ALA A 248 11.33 -2.91 -35.79
CA ALA A 248 11.51 -3.89 -34.72
C ALA A 248 10.90 -3.37 -33.42
N GLU A 249 10.25 -4.26 -32.70
CA GLU A 249 9.56 -3.87 -31.47
C GLU A 249 10.57 -3.74 -30.33
N PRO A 250 10.53 -2.66 -29.57
CA PRO A 250 11.39 -2.56 -28.38
C PRO A 250 10.88 -3.44 -27.25
N ARG A 251 11.81 -3.94 -26.45
CA ARG A 251 11.51 -4.87 -25.37
C ARG A 251 11.82 -4.20 -24.03
N GLU A 252 10.77 -3.68 -23.38
CA GLU A 252 10.97 -3.04 -22.08
C GLU A 252 11.40 -4.05 -21.01
N ALA A 253 11.02 -5.32 -21.17
CA ALA A 253 11.42 -6.34 -20.21
C ALA A 253 12.93 -6.50 -20.15
N LEU A 254 13.63 -6.21 -21.26
CA LEU A 254 15.08 -6.32 -21.27
C LEU A 254 15.71 -5.32 -20.30
N LEU A 255 15.24 -4.06 -20.33
CA LEU A 255 15.78 -3.05 -19.42
C LEU A 255 15.41 -3.35 -17.97
N ALA A 256 14.22 -3.91 -17.73
CA ALA A 256 13.83 -4.25 -16.38
C ALA A 256 14.63 -5.41 -15.83
N GLU A 257 14.89 -6.43 -16.66
CA GLU A 257 15.67 -7.57 -16.21
C GLU A 257 17.12 -7.18 -15.93
N ALA A 258 17.70 -6.34 -16.79
CA ALA A 258 19.07 -5.89 -16.58
C ALA A 258 19.20 -5.07 -15.29
N ALA A 259 18.20 -4.24 -14.99
CA ALA A 259 18.25 -3.44 -13.78
C ALA A 259 18.21 -4.30 -12.53
N THR A 260 17.50 -5.44 -12.58
CA THR A 260 17.52 -6.35 -11.43
C THR A 260 18.89 -6.97 -11.25
N CYS A 261 19.60 -7.25 -12.33
CA CYS A 261 20.95 -7.77 -12.21
C CYS A 261 21.87 -6.74 -11.56
N VAL A 262 21.68 -5.46 -11.88
CA VAL A 262 22.48 -4.42 -11.27
C VAL A 262 22.16 -4.31 -9.78
N ALA A 263 20.88 -4.41 -9.42
CA ALA A 263 20.50 -4.31 -8.01
C ALA A 263 21.07 -5.45 -7.19
N GLY A 264 21.16 -6.64 -7.77
CA GLY A 264 21.75 -7.74 -7.04
C GLY A 264 23.21 -7.52 -6.70
N VAL A 265 23.94 -6.85 -7.58
CA VAL A 265 25.35 -6.56 -7.32
C VAL A 265 25.48 -5.46 -6.28
N LEU A 266 24.66 -4.42 -6.39
CA LEU A 266 24.73 -3.30 -5.46
C LEU A 266 24.15 -3.64 -4.09
N ALA A 267 23.58 -4.83 -3.92
CA ALA A 267 23.03 -5.22 -2.63
C ALA A 267 24.15 -5.75 -1.72
N ASP B 3 -30.64 17.67 6.27
CA ASP B 3 -29.81 18.10 7.39
C ASP B 3 -28.34 17.82 7.12
N LEU B 4 -28.08 16.83 6.24
CA LEU B 4 -26.70 16.58 5.81
C LEU B 4 -26.19 17.69 4.91
N ALA B 5 -27.09 18.35 4.17
CA ALA B 5 -26.72 19.43 3.27
C ALA B 5 -26.12 20.64 4.00
N ASP B 6 -26.20 20.69 5.32
CA ASP B 6 -25.56 21.79 6.04
C ASP B 6 -24.04 21.64 6.03
N ARG B 7 -23.54 20.40 6.13
CA ARG B 7 -22.10 20.18 6.04
C ARG B 7 -21.61 20.38 4.61
N PHE B 8 -22.41 20.01 3.62
CA PHE B 8 -22.02 20.17 2.23
C PHE B 8 -21.80 21.64 1.89
N ALA B 9 -22.73 22.51 2.31
CA ALA B 9 -22.58 23.94 2.06
C ALA B 9 -21.44 24.53 2.88
N GLU B 10 -21.14 23.95 4.04
CA GLU B 10 -19.98 24.39 4.80
C GLU B 10 -18.69 24.02 4.08
N LEU B 11 -18.66 22.86 3.43
CA LEU B 11 -17.48 22.46 2.68
C LEU B 11 -17.29 23.30 1.43
N GLU B 12 -18.38 23.71 0.80
CA GLU B 12 -18.29 24.58 -0.37
C GLU B 12 -17.63 25.91 -0.01
N ARG B 13 -17.99 26.47 1.14
CA ARG B 13 -17.40 27.73 1.58
C ARG B 13 -15.92 27.55 1.90
N ARG B 14 -15.55 26.40 2.47
CA ARG B 14 -14.17 26.18 2.90
C ARG B 14 -13.22 26.02 1.72
N TYR B 15 -13.67 25.42 0.63
CA TYR B 15 -12.81 25.13 -0.51
C TYR B 15 -13.03 26.07 -1.68
N ASP B 16 -13.96 27.02 -1.58
CA ASP B 16 -14.25 27.98 -2.65
C ASP B 16 -14.62 27.24 -3.93
N ALA B 17 -15.57 26.32 -3.82
CA ALA B 17 -15.95 25.49 -4.94
C ALA B 17 -17.45 25.21 -4.90
N ARG B 18 -17.94 24.60 -5.96
CA ARG B 18 -19.32 24.16 -6.06
C ARG B 18 -19.34 22.64 -6.08
N LEU B 19 -20.04 22.04 -5.13
CA LEU B 19 -20.02 20.61 -4.89
C LEU B 19 -21.34 19.98 -5.33
N GLY B 20 -21.26 18.83 -6.00
CA GLY B 20 -22.43 18.08 -6.37
C GLY B 20 -22.36 16.63 -5.90
N VAL B 21 -23.34 16.19 -5.11
CA VAL B 21 -23.35 14.86 -4.53
C VAL B 21 -24.69 14.19 -4.78
N TYR B 22 -24.65 12.91 -5.15
CA TYR B 22 -25.87 12.11 -5.26
C TYR B 22 -25.55 10.65 -4.96
N VAL B 23 -26.37 10.04 -4.09
CA VAL B 23 -26.29 8.62 -3.79
C VAL B 23 -27.67 8.00 -3.98
N PRO B 24 -27.89 7.21 -5.03
CA PRO B 24 -29.20 6.59 -5.22
C PRO B 24 -29.64 5.80 -4.01
N ALA B 25 -30.92 5.91 -3.67
CA ALA B 25 -31.46 5.25 -2.50
C ALA B 25 -31.48 3.74 -2.68
N THR B 26 -31.12 3.02 -1.62
CA THR B 26 -31.18 1.57 -1.61
C THR B 26 -32.52 1.13 -1.02
N GLY B 27 -32.69 -0.17 -0.80
CA GLY B 27 -33.93 -0.66 -0.23
C GLY B 27 -34.15 -0.22 1.20
N THR B 28 -33.07 0.07 1.94
CA THR B 28 -33.17 0.42 3.34
C THR B 28 -33.00 1.91 3.61
N THR B 29 -32.09 2.58 2.92
CA THR B 29 -31.79 3.99 3.17
C THR B 29 -32.38 4.88 2.08
N ALA B 30 -32.49 6.16 2.40
CA ALA B 30 -33.01 7.18 1.50
C ALA B 30 -31.90 7.75 0.63
N ALA B 31 -32.31 8.50 -0.39
CA ALA B 31 -31.36 9.06 -1.35
C ALA B 31 -30.74 10.35 -0.82
N ILE B 32 -29.44 10.50 -1.04
CA ILE B 32 -28.71 11.70 -0.65
C ILE B 32 -28.60 12.61 -1.87
N GLU B 33 -28.97 13.88 -1.70
CA GLU B 33 -29.00 14.83 -2.80
C GLU B 33 -28.38 16.16 -2.37
N TYR B 34 -27.49 16.69 -3.20
CA TYR B 34 -26.97 18.04 -3.02
C TYR B 34 -26.52 18.52 -4.38
N ARG B 35 -27.25 19.47 -4.96
CA ARG B 35 -27.03 19.92 -6.34
C ARG B 35 -27.03 18.73 -7.30
N ALA B 36 -27.86 17.72 -6.98
CA ALA B 36 -27.85 16.47 -7.73
C ALA B 36 -28.34 16.65 -9.16
N ASP B 37 -29.21 17.63 -9.40
CA ASP B 37 -29.74 17.90 -10.73
C ASP B 37 -29.07 19.09 -11.40
N GLU B 38 -27.96 19.57 -10.84
CA GLU B 38 -27.17 20.61 -11.47
C GLU B 38 -26.13 19.99 -12.39
N ARG B 39 -25.80 20.70 -13.46
CA ARG B 39 -24.90 20.15 -14.47
C ARG B 39 -23.45 20.38 -14.07
N PHE B 40 -22.66 19.30 -14.10
CA PHE B 40 -21.22 19.36 -13.96
C PHE B 40 -20.58 18.76 -15.21
N ALA B 41 -19.33 19.12 -15.44
CA ALA B 41 -18.62 18.63 -16.62
C ALA B 41 -18.32 17.15 -16.49
N PHE B 42 -18.47 16.44 -17.62
CA PHE B 42 -18.15 15.01 -17.66
C PHE B 42 -16.72 14.75 -17.21
N CYS B 43 -15.77 15.44 -17.84
CA CYS B 43 -14.33 15.20 -17.65
C CYS B 43 -14.09 13.72 -17.97
N SER B 44 -13.29 13.02 -17.18
CA SER B 44 -12.91 11.65 -17.52
C SER B 44 -13.92 10.61 -17.05
N THR B 45 -14.98 11.02 -16.34
CA THR B 45 -15.97 10.06 -15.89
C THR B 45 -16.69 9.39 -17.04
N PHE B 46 -16.72 10.01 -18.22
CA PHE B 46 -17.37 9.42 -19.37
C PHE B 46 -16.68 8.15 -19.86
N LYS B 47 -15.41 7.95 -19.48
CA LYS B 47 -14.70 6.76 -19.95
C LYS B 47 -15.23 5.48 -19.34
N ALA B 48 -15.92 5.56 -18.19
CA ALA B 48 -16.48 4.34 -17.61
C ALA B 48 -17.65 3.81 -18.44
N PRO B 49 -18.71 4.59 -18.72
CA PRO B 49 -19.76 4.06 -19.62
C PRO B 49 -19.29 3.92 -21.06
N LEU B 50 -18.19 4.56 -21.45
CA LEU B 50 -17.67 4.38 -22.80
C LEU B 50 -17.19 2.96 -23.01
N VAL B 51 -16.43 2.42 -22.04
CA VAL B 51 -16.04 1.02 -22.12
C VAL B 51 -17.27 0.12 -22.11
N ALA B 52 -18.24 0.44 -21.25
CA ALA B 52 -19.48 -0.33 -21.22
C ALA B 52 -20.22 -0.26 -22.54
N ALA B 53 -20.13 0.88 -23.24
CA ALA B 53 -20.77 0.99 -24.55
C ALA B 53 -20.09 0.08 -25.57
N VAL B 54 -18.76 0.04 -25.56
CA VAL B 54 -18.03 -0.83 -26.47
C VAL B 54 -18.31 -2.29 -26.13
N LEU B 55 -18.31 -2.63 -24.83
CA LEU B 55 -18.60 -4.00 -24.42
C LEU B 55 -19.99 -4.43 -24.85
N HIS B 56 -20.95 -3.51 -24.80
CA HIS B 56 -22.34 -3.86 -25.08
C HIS B 56 -22.53 -4.20 -26.56
N GLN B 57 -21.91 -3.42 -27.45
CA GLN B 57 -22.17 -3.54 -28.88
C GLN B 57 -21.30 -4.58 -29.58
N ASN B 58 -20.35 -5.18 -28.89
CA ASN B 58 -19.44 -6.14 -29.52
C ASN B 58 -19.33 -7.40 -28.69
N PRO B 59 -19.09 -8.55 -29.32
CA PRO B 59 -18.85 -9.78 -28.57
C PRO B 59 -17.51 -9.71 -27.84
N LEU B 60 -17.31 -10.67 -26.94
CA LEU B 60 -16.10 -10.66 -26.12
C LEU B 60 -14.83 -10.85 -26.94
N THR B 61 -14.92 -11.55 -28.07
CA THR B 61 -13.74 -11.76 -28.91
C THR B 61 -13.30 -10.48 -29.61
N HIS B 62 -14.16 -9.47 -29.70
CA HIS B 62 -13.80 -8.20 -30.31
C HIS B 62 -12.70 -7.49 -29.54
N LEU B 63 -12.48 -7.84 -28.28
CA LEU B 63 -11.44 -7.20 -27.48
C LEU B 63 -10.03 -7.54 -27.95
N ASP B 64 -9.87 -8.54 -28.81
CA ASP B 64 -8.56 -8.92 -29.34
C ASP B 64 -8.19 -8.17 -30.61
N LYS B 65 -9.08 -7.34 -31.15
CA LYS B 65 -8.77 -6.61 -32.38
C LYS B 65 -7.67 -5.60 -32.13
N LEU B 66 -6.63 -5.63 -32.96
CA LEU B 66 -5.49 -4.74 -32.80
C LEU B 66 -5.75 -3.43 -33.53
N ILE B 67 -5.54 -2.32 -32.83
CA ILE B 67 -5.77 -0.98 -33.38
C ILE B 67 -4.41 -0.29 -33.52
N THR B 68 -4.12 0.19 -34.71
CA THR B 68 -2.89 0.93 -34.99
C THR B 68 -3.20 2.42 -35.03
N TYR B 69 -2.25 3.23 -34.54
CA TYR B 69 -2.43 4.67 -34.47
C TYR B 69 -1.09 5.34 -34.66
N THR B 70 -1.13 6.62 -35.02
CA THR B 70 0.07 7.40 -35.29
C THR B 70 0.37 8.34 -34.12
N SER B 71 1.54 8.98 -34.20
CA SER B 71 1.95 9.94 -33.17
C SER B 71 1.03 11.15 -33.12
N ASP B 72 0.35 11.46 -34.22
CA ASP B 72 -0.57 12.60 -34.23
C ASP B 72 -1.83 12.32 -33.44
N ASP B 73 -2.12 11.06 -33.13
CA ASP B 73 -3.29 10.73 -32.35
C ASP B 73 -3.08 10.99 -30.86
N ILE B 74 -1.82 11.02 -30.42
CA ILE B 74 -1.49 11.31 -29.02
C ILE B 74 -1.70 12.80 -28.77
N ARG B 75 -2.95 13.19 -28.48
CA ARG B 75 -3.31 14.59 -28.34
C ARG B 75 -3.48 15.02 -26.89
N SER B 76 -3.54 14.09 -25.95
CA SER B 76 -3.73 14.39 -24.54
C SER B 76 -2.83 13.47 -23.72
N ILE B 77 -2.90 13.62 -22.40
CA ILE B 77 -2.09 12.77 -21.52
C ILE B 77 -2.50 11.32 -21.74
N SER B 78 -1.56 10.52 -22.22
CA SER B 78 -1.81 9.12 -22.59
C SER B 78 -0.66 8.27 -22.08
N PRO B 79 -0.70 7.89 -20.79
CA PRO B 79 0.44 7.16 -20.21
C PRO B 79 0.67 5.78 -20.82
N VAL B 80 -0.32 5.18 -21.44
CA VAL B 80 -0.20 3.87 -22.05
C VAL B 80 -0.11 3.95 -23.57
N ALA B 81 -0.85 4.89 -24.18
CA ALA B 81 -0.82 5.00 -25.64
C ALA B 81 0.52 5.53 -26.13
N GLN B 82 1.23 6.29 -25.31
CA GLN B 82 2.55 6.77 -25.70
C GLN B 82 3.57 5.66 -25.82
N GLN B 83 3.36 4.53 -25.15
CA GLN B 83 4.33 3.46 -25.11
C GLN B 83 4.15 2.41 -26.19
N HIS B 84 2.98 2.35 -26.83
CA HIS B 84 2.68 1.32 -27.80
C HIS B 84 2.29 1.90 -29.15
N VAL B 85 2.93 3.02 -29.54
CA VAL B 85 2.63 3.62 -30.83
C VAL B 85 3.12 2.73 -31.96
N GLN B 86 4.26 2.05 -31.77
CA GLN B 86 4.81 1.21 -32.82
C GLN B 86 4.16 -0.17 -32.85
N THR B 87 3.74 -0.69 -31.70
CA THR B 87 3.17 -2.03 -31.63
C THR B 87 1.65 -2.03 -31.81
N GLY B 88 0.99 -0.93 -31.48
CA GLY B 88 -0.45 -0.90 -31.47
C GLY B 88 -1.03 -1.54 -30.22
N MET B 89 -2.30 -1.28 -29.98
CA MET B 89 -2.97 -1.80 -28.79
C MET B 89 -4.32 -2.40 -29.17
N THR B 90 -4.69 -3.48 -28.49
CA THR B 90 -5.98 -4.12 -28.72
C THR B 90 -7.08 -3.37 -27.98
N ILE B 91 -8.31 -3.58 -28.45
CA ILE B 91 -9.48 -2.94 -27.84
C ILE B 91 -9.53 -3.23 -26.34
N GLY B 92 -9.14 -4.45 -25.94
CA GLY B 92 -9.09 -4.76 -24.52
C GLY B 92 -8.08 -3.90 -23.77
N GLN B 93 -6.88 -3.76 -24.35
CA GLN B 93 -5.88 -2.90 -23.71
C GLN B 93 -6.31 -1.43 -23.71
N LEU B 94 -7.01 -1.00 -24.77
CA LEU B 94 -7.53 0.36 -24.80
C LEU B 94 -8.54 0.60 -23.68
N CYS B 95 -9.36 -0.42 -23.37
CA CYS B 95 -10.30 -0.31 -22.26
C CYS B 95 -9.57 -0.22 -20.93
N ASP B 96 -8.58 -1.09 -20.73
CA ASP B 96 -7.84 -1.09 -19.48
C ASP B 96 -7.14 0.25 -19.26
N ALA B 97 -6.54 0.81 -20.31
CA ALA B 97 -5.84 2.08 -20.17
C ALA B 97 -6.80 3.23 -19.96
N ALA B 98 -7.98 3.18 -20.60
CA ALA B 98 -8.91 4.30 -20.50
C ALA B 98 -9.52 4.40 -19.11
N ILE B 99 -9.58 3.29 -18.38
CA ILE B 99 -10.20 3.28 -17.05
C ILE B 99 -9.14 3.39 -15.96
N ARG B 100 -8.16 2.48 -15.97
CA ARG B 100 -7.24 2.39 -14.85
C ARG B 100 -6.28 3.57 -14.81
N TYR B 101 -5.76 3.97 -15.97
CA TYR B 101 -4.83 5.09 -16.06
C TYR B 101 -5.45 6.32 -16.68
N SER B 102 -6.75 6.30 -16.99
CA SER B 102 -7.47 7.44 -17.54
C SER B 102 -6.78 7.96 -18.81
N ASP B 103 -6.33 7.03 -19.65
CA ASP B 103 -5.59 7.39 -20.85
C ASP B 103 -6.48 8.19 -21.81
N GLY B 104 -5.96 9.32 -22.27
CA GLY B 104 -6.74 10.17 -23.16
C GLY B 104 -6.89 9.60 -24.56
N THR B 105 -5.77 9.22 -25.18
CA THR B 105 -5.82 8.69 -26.54
C THR B 105 -6.57 7.37 -26.62
N ALA B 106 -6.50 6.56 -25.56
CA ALA B 106 -7.27 5.31 -25.53
C ALA B 106 -8.77 5.60 -25.59
N ALA B 107 -9.21 6.66 -24.93
CA ALA B 107 -10.64 6.99 -24.96
C ALA B 107 -11.06 7.47 -26.35
N ASN B 108 -10.21 8.25 -27.01
CA ASN B 108 -10.54 8.74 -28.35
C ASN B 108 -10.62 7.60 -29.35
N LEU B 109 -9.74 6.60 -29.22
CA LEU B 109 -9.77 5.47 -30.14
C LEU B 109 -10.99 4.60 -29.91
N LEU B 110 -11.39 4.43 -28.65
CA LEU B 110 -12.60 3.65 -28.35
C LEU B 110 -13.84 4.36 -28.90
N LEU B 111 -13.87 5.68 -28.83
CA LEU B 111 -14.96 6.43 -29.45
C LEU B 111 -15.02 6.18 -30.95
N ALA B 112 -13.86 6.10 -31.61
CA ALA B 112 -13.84 5.80 -33.03
C ALA B 112 -14.35 4.39 -33.30
N ASP B 113 -14.07 3.44 -32.41
CA ASP B 113 -14.61 2.10 -32.58
C ASP B 113 -16.13 2.08 -32.46
N LEU B 114 -16.69 3.00 -31.68
CA LEU B 114 -18.15 3.13 -31.62
C LEU B 114 -18.71 3.57 -32.97
N GLY B 115 -17.95 4.37 -33.72
CA GLY B 115 -18.40 4.83 -35.01
C GLY B 115 -19.45 5.92 -34.93
N GLY B 116 -19.81 6.49 -36.08
CA GLY B 116 -20.85 7.49 -36.13
C GLY B 116 -20.30 8.88 -36.35
N PRO B 117 -21.16 9.89 -36.20
CA PRO B 117 -20.73 11.27 -36.45
C PRO B 117 -19.86 11.81 -35.33
N GLY B 118 -19.02 12.77 -35.69
CA GLY B 118 -18.14 13.41 -34.71
C GLY B 118 -17.17 12.46 -34.05
N GLY B 119 -16.69 11.45 -34.77
CA GLY B 119 -15.78 10.49 -34.18
C GLY B 119 -16.39 9.60 -33.13
N GLY B 120 -17.72 9.46 -33.11
CA GLY B 120 -18.40 8.57 -32.18
C GLY B 120 -18.98 9.22 -30.94
N THR B 121 -18.86 10.54 -30.79
CA THR B 121 -19.50 11.20 -29.65
C THR B 121 -21.01 11.10 -29.73
N ALA B 122 -21.57 11.16 -30.93
CA ALA B 122 -23.01 11.00 -31.09
C ALA B 122 -23.45 9.60 -30.71
N ALA B 123 -22.65 8.59 -31.07
CA ALA B 123 -23.00 7.22 -30.72
C ALA B 123 -22.91 6.98 -29.22
N PHE B 124 -21.96 7.61 -28.54
CA PHE B 124 -21.84 7.45 -27.10
C PHE B 124 -23.03 8.03 -26.38
N THR B 125 -23.43 9.26 -26.76
CA THR B 125 -24.62 9.85 -26.17
C THR B 125 -25.85 8.98 -26.43
N GLY B 126 -25.91 8.34 -27.59
CA GLY B 126 -27.01 7.43 -27.89
C GLY B 126 -27.07 6.24 -26.96
N TYR B 127 -25.91 5.75 -26.51
CA TYR B 127 -25.90 4.64 -25.57
C TYR B 127 -26.45 5.06 -24.21
N LEU B 128 -26.12 6.27 -23.75
CA LEU B 128 -26.67 6.75 -22.50
C LEU B 128 -28.18 6.94 -22.58
N ARG B 129 -28.70 7.30 -23.76
CA ARG B 129 -30.14 7.47 -23.92
C ARG B 129 -30.89 6.15 -23.77
N SER B 130 -30.29 5.04 -24.22
CA SER B 130 -30.92 3.74 -24.05
C SER B 130 -30.97 3.32 -22.59
N LEU B 131 -30.07 3.83 -21.75
CA LEU B 131 -30.09 3.55 -20.33
C LEU B 131 -31.05 4.45 -19.55
N GLY B 132 -31.81 5.29 -20.25
CA GLY B 132 -32.75 6.19 -19.59
C GLY B 132 -32.18 7.54 -19.22
N ASP B 133 -30.94 7.83 -19.61
CA ASP B 133 -30.29 9.10 -19.28
C ASP B 133 -30.56 10.09 -20.42
N THR B 134 -31.47 11.03 -20.17
CA THR B 134 -31.84 12.04 -21.15
C THR B 134 -31.25 13.41 -20.84
N VAL B 135 -30.23 13.47 -19.99
CA VAL B 135 -29.64 14.72 -19.55
C VAL B 135 -28.22 14.88 -20.07
N SER B 136 -27.42 13.84 -19.95
CA SER B 136 -26.01 13.88 -20.31
C SER B 136 -25.83 14.05 -21.82
N ARG B 137 -24.62 14.47 -22.20
CA ARG B 137 -24.30 14.68 -23.60
C ARG B 137 -22.80 14.82 -23.76
N LEU B 138 -22.25 14.16 -24.78
CA LEU B 138 -20.84 14.27 -25.13
C LEU B 138 -20.74 14.87 -26.52
N ASP B 139 -20.00 15.97 -26.63
CA ASP B 139 -19.93 16.72 -27.88
C ASP B 139 -18.53 16.78 -28.49
N ALA B 140 -17.49 16.76 -27.68
CA ALA B 140 -16.11 16.85 -28.16
C ALA B 140 -15.34 15.58 -27.82
N GLU B 141 -14.09 15.53 -28.27
CA GLU B 141 -13.15 14.47 -27.94
C GLU B 141 -12.05 15.03 -27.03
N GLU B 142 -11.10 14.17 -26.68
CA GLU B 142 -9.99 14.57 -25.82
C GLU B 142 -8.98 15.42 -26.59
N PRO B 143 -8.46 16.49 -25.97
CA PRO B 143 -8.79 16.92 -24.61
C PRO B 143 -9.74 18.11 -24.54
N GLU B 144 -10.53 18.32 -25.60
CA GLU B 144 -11.40 19.49 -25.67
C GLU B 144 -12.54 19.42 -24.68
N LEU B 145 -13.02 18.21 -24.35
CA LEU B 145 -14.21 18.07 -23.51
C LEU B 145 -13.98 18.57 -22.10
N ASN B 146 -12.73 18.86 -21.70
CA ASN B 146 -12.45 19.31 -20.35
C ASN B 146 -12.39 20.84 -20.23
N ARG B 147 -12.20 21.56 -21.33
CA ARG B 147 -12.00 23.00 -21.28
C ARG B 147 -13.28 23.81 -21.49
N ASP B 148 -14.44 23.16 -21.50
CA ASP B 148 -15.68 23.87 -21.78
C ASP B 148 -15.88 24.99 -20.76
N PRO B 149 -16.42 26.13 -21.18
CA PRO B 149 -16.62 27.24 -20.24
C PRO B 149 -17.79 26.94 -19.31
N PRO B 150 -17.82 27.56 -18.13
CA PRO B 150 -18.97 27.37 -17.23
C PRO B 150 -20.25 27.85 -17.88
N GLY B 151 -21.36 27.26 -17.47
CA GLY B 151 -22.66 27.54 -18.05
C GLY B 151 -22.94 26.83 -19.36
N ASP B 152 -21.91 26.35 -20.05
CA ASP B 152 -22.10 25.61 -21.29
C ASP B 152 -22.52 24.18 -21.00
N GLU B 153 -23.56 23.73 -21.68
CA GLU B 153 -24.09 22.38 -21.45
C GLU B 153 -23.35 21.32 -22.23
N ARG B 154 -22.38 21.68 -23.07
CA ARG B 154 -21.66 20.68 -23.83
C ARG B 154 -20.74 19.88 -22.92
N ASP B 155 -20.75 18.55 -23.11
CA ASP B 155 -19.90 17.63 -22.36
C ASP B 155 -20.21 17.67 -20.86
N THR B 156 -21.50 17.75 -20.52
CA THR B 156 -21.93 17.83 -19.13
C THR B 156 -22.95 16.75 -18.81
N THR B 157 -22.98 16.36 -17.54
CA THR B 157 -23.98 15.45 -16.99
C THR B 157 -24.44 16.03 -15.66
N THR B 158 -25.20 15.25 -14.90
CA THR B 158 -25.55 15.62 -13.54
C THR B 158 -25.26 14.44 -12.63
N PRO B 159 -24.91 14.71 -11.37
CA PRO B 159 -24.71 13.61 -10.42
C PRO B 159 -25.90 12.69 -10.32
N HIS B 160 -27.12 13.21 -10.50
CA HIS B 160 -28.29 12.35 -10.53
C HIS B 160 -28.23 11.39 -11.71
N ALA B 161 -27.85 11.90 -12.89
CA ALA B 161 -27.89 11.07 -14.09
C ALA B 161 -26.75 10.06 -14.12
N ILE B 162 -25.53 10.49 -13.77
CA ILE B 162 -24.39 9.58 -13.87
C ILE B 162 -24.48 8.49 -12.82
N ALA B 163 -25.08 8.76 -11.66
CA ALA B 163 -25.21 7.74 -10.63
C ALA B 163 -26.12 6.61 -11.11
N LEU B 164 -27.25 6.94 -11.74
CA LEU B 164 -28.15 5.92 -12.23
C LEU B 164 -27.56 5.15 -13.40
N VAL B 165 -26.74 5.80 -14.22
CA VAL B 165 -26.04 5.09 -15.30
C VAL B 165 -25.06 4.08 -14.71
N LEU B 166 -24.24 4.53 -13.76
CA LEU B 166 -23.28 3.63 -13.13
C LEU B 166 -23.96 2.49 -12.38
N GLN B 167 -25.14 2.74 -11.81
CA GLN B 167 -25.84 1.70 -11.07
C GLN B 167 -26.29 0.57 -12.00
N GLN B 168 -26.81 0.92 -13.18
CA GLN B 168 -27.26 -0.11 -14.12
C GLN B 168 -26.10 -0.90 -14.68
N LEU B 169 -24.92 -0.28 -14.81
CA LEU B 169 -23.79 -0.96 -15.43
C LEU B 169 -23.14 -1.93 -14.46
N VAL B 170 -23.05 -1.57 -13.19
CA VAL B 170 -22.36 -2.37 -12.18
C VAL B 170 -23.33 -3.23 -11.37
N LEU B 171 -24.40 -2.63 -10.86
CA LEU B 171 -25.36 -3.35 -10.04
C LEU B 171 -26.50 -3.96 -10.85
N GLY B 172 -26.98 -3.24 -11.87
CA GLY B 172 -28.04 -3.75 -12.71
C GLY B 172 -27.54 -4.69 -13.78
N ASN B 173 -28.49 -5.20 -14.58
CA ASN B 173 -28.19 -6.14 -15.65
C ASN B 173 -28.17 -5.45 -17.02
N ALA B 174 -27.58 -4.26 -17.11
CA ALA B 174 -27.41 -3.61 -18.41
C ALA B 174 -26.30 -4.25 -19.23
N LEU B 175 -25.55 -5.18 -18.63
CA LEU B 175 -24.51 -5.94 -19.32
C LEU B 175 -24.57 -7.39 -18.85
N PRO B 176 -24.28 -8.34 -19.72
CA PRO B 176 -24.22 -9.73 -19.29
C PRO B 176 -23.09 -9.93 -18.29
N PRO B 177 -23.23 -10.91 -17.39
CA PRO B 177 -22.24 -11.04 -16.30
C PRO B 177 -20.80 -11.24 -16.76
N ASP B 178 -20.58 -11.87 -17.91
CA ASP B 178 -19.21 -12.04 -18.39
C ASP B 178 -18.57 -10.70 -18.74
N LYS B 179 -19.34 -9.80 -19.37
CA LYS B 179 -18.81 -8.48 -19.67
C LYS B 179 -18.93 -7.53 -18.49
N ARG B 180 -19.94 -7.71 -17.64
CA ARG B 180 -20.09 -6.87 -16.47
C ARG B 180 -18.93 -7.05 -15.49
N ALA B 181 -18.42 -8.29 -15.39
CA ALA B 181 -17.31 -8.55 -14.50
C ALA B 181 -16.03 -7.87 -14.97
N LEU B 182 -15.88 -7.71 -16.29
CA LEU B 182 -14.69 -7.04 -16.83
C LEU B 182 -14.68 -5.57 -16.42
N LEU B 183 -15.82 -4.89 -16.55
CA LEU B 183 -15.89 -3.48 -16.18
C LEU B 183 -15.62 -3.29 -14.69
N THR B 184 -16.19 -4.16 -13.86
CA THR B 184 -16.04 -4.03 -12.42
C THR B 184 -14.58 -4.21 -12.00
N ASP B 185 -13.89 -5.17 -12.60
CA ASP B 185 -12.49 -5.42 -12.24
C ASP B 185 -11.60 -4.26 -12.66
N TRP B 186 -11.89 -3.64 -13.80
CA TRP B 186 -11.06 -2.51 -14.25
C TRP B 186 -11.21 -1.31 -13.31
N MET B 187 -12.44 -1.00 -12.92
CA MET B 187 -12.65 0.10 -11.99
C MET B 187 -12.11 -0.24 -10.60
N ALA B 188 -12.08 -1.51 -10.24
CA ALA B 188 -11.56 -1.91 -8.93
C ALA B 188 -10.05 -1.68 -8.86
N ARG B 189 -9.35 -1.79 -9.98
CA ARG B 189 -7.91 -1.61 -10.05
C ARG B 189 -7.53 -0.22 -10.57
N ASN B 190 -8.42 0.77 -10.42
CA ASN B 190 -8.12 2.13 -10.83
C ASN B 190 -6.93 2.66 -10.03
N THR B 191 -6.14 3.51 -10.67
CA THR B 191 -4.93 4.06 -10.07
C THR B 191 -4.95 5.58 -9.89
N THR B 192 -6.01 6.27 -10.31
CA THR B 192 -6.03 7.72 -10.35
C THR B 192 -6.86 8.36 -9.24
N GLY B 193 -7.50 7.56 -8.40
CA GLY B 193 -8.40 8.14 -7.41
C GLY B 193 -8.19 7.68 -5.98
N ALA B 194 -6.93 7.55 -5.57
CA ALA B 194 -6.64 7.10 -4.22
C ALA B 194 -6.89 8.17 -3.17
N LYS B 195 -6.99 9.44 -3.57
CA LYS B 195 -7.15 10.54 -2.63
C LYS B 195 -8.53 11.17 -2.68
N ARG B 196 -9.51 10.49 -3.28
CA ARG B 196 -10.84 11.05 -3.44
C ARG B 196 -11.82 10.18 -2.65
N ILE B 197 -12.81 9.57 -3.31
CA ILE B 197 -13.82 8.79 -2.60
C ILE B 197 -13.18 7.64 -1.85
N ARG B 198 -12.14 7.03 -2.44
CA ARG B 198 -11.43 5.96 -1.75
C ARG B 198 -10.84 6.46 -0.44
N ALA B 199 -10.34 7.69 -0.42
CA ALA B 199 -9.75 8.25 0.78
C ALA B 199 -10.79 8.72 1.79
N GLY B 200 -12.06 8.83 1.38
CA GLY B 200 -13.10 9.29 2.28
C GLY B 200 -13.78 8.15 3.00
N PHE B 201 -13.61 6.93 2.49
CA PHE B 201 -14.23 5.75 3.08
C PHE B 201 -13.22 4.94 3.89
N PRO B 202 -13.66 4.29 4.96
CA PRO B 202 -12.74 3.42 5.72
C PRO B 202 -12.17 2.31 4.86
N ALA B 203 -11.10 1.70 5.36
CA ALA B 203 -10.35 0.75 4.55
C ALA B 203 -11.15 -0.53 4.29
N ASP B 204 -11.96 -0.97 5.25
CA ASP B 204 -12.74 -2.19 5.10
C ASP B 204 -13.95 -2.03 4.20
N TRP B 205 -14.06 -0.93 3.48
CA TRP B 205 -15.10 -0.72 2.47
C TRP B 205 -14.48 -0.91 1.09
N LYS B 206 -15.02 -1.84 0.31
CA LYS B 206 -14.56 -2.01 -1.06
C LYS B 206 -15.02 -0.83 -1.91
N VAL B 207 -14.13 -0.32 -2.75
CA VAL B 207 -14.40 0.88 -3.54
C VAL B 207 -13.88 0.67 -4.96
N ILE B 208 -14.79 0.77 -5.94
CA ILE B 208 -14.44 0.87 -7.34
C ILE B 208 -14.88 2.25 -7.82
N ASP B 209 -14.11 2.85 -8.73
CA ASP B 209 -14.39 4.23 -9.12
C ASP B 209 -13.71 4.56 -10.44
N LYS B 210 -14.17 5.66 -11.03
CA LYS B 210 -13.52 6.28 -12.18
C LYS B 210 -13.51 7.79 -11.96
N THR B 211 -12.32 8.37 -11.88
CA THR B 211 -12.20 9.79 -11.57
C THR B 211 -12.35 10.65 -12.81
N GLY B 212 -12.34 11.96 -12.60
CA GLY B 212 -12.36 12.93 -13.67
C GLY B 212 -11.80 14.26 -13.20
N THR B 213 -10.90 14.85 -13.98
CA THR B 213 -10.31 16.13 -13.63
C THR B 213 -10.13 16.96 -14.89
N GLY B 214 -10.43 18.26 -14.78
CA GLY B 214 -10.28 19.18 -15.88
C GLY B 214 -9.88 20.58 -15.43
N ASP B 215 -10.03 21.56 -16.32
CA ASP B 215 -9.74 22.93 -15.97
C ASP B 215 -10.87 23.48 -15.09
N TYR B 216 -10.73 24.76 -14.70
CA TYR B 216 -11.68 25.42 -13.81
C TYR B 216 -11.81 24.69 -12.47
N GLY B 217 -10.73 24.06 -12.03
CA GLY B 217 -10.76 23.35 -10.76
C GLY B 217 -11.73 22.19 -10.70
N ARG B 218 -11.97 21.52 -11.82
CA ARG B 218 -12.95 20.44 -11.88
C ARG B 218 -12.38 19.18 -11.27
N ALA B 219 -13.19 18.52 -10.44
CA ALA B 219 -12.80 17.27 -9.81
C ALA B 219 -14.05 16.44 -9.60
N ASN B 220 -14.16 15.31 -10.29
CA ASN B 220 -15.28 14.40 -10.16
C ASN B 220 -14.77 13.03 -9.71
N ASP B 221 -15.68 12.22 -9.22
CA ASP B 221 -15.36 10.82 -8.89
C ASP B 221 -16.68 10.06 -8.77
N ILE B 222 -16.94 9.15 -9.70
CA ILE B 222 -18.11 8.28 -9.66
C ILE B 222 -17.66 6.91 -9.16
N ALA B 223 -18.38 6.36 -8.19
CA ALA B 223 -17.91 5.17 -7.50
C ALA B 223 -19.08 4.29 -7.10
N VAL B 224 -18.76 3.02 -6.84
CA VAL B 224 -19.68 2.05 -6.25
C VAL B 224 -18.97 1.43 -5.05
N VAL B 225 -19.53 1.63 -3.85
CA VAL B 225 -18.90 1.18 -2.62
C VAL B 225 -19.71 0.03 -2.04
N TRP B 226 -19.03 -0.80 -1.25
CA TRP B 226 -19.64 -1.95 -0.59
C TRP B 226 -19.35 -1.88 0.90
N SER B 227 -20.41 -1.95 1.72
CA SER B 227 -20.24 -1.96 3.16
C SER B 227 -19.51 -3.24 3.59
N PRO B 228 -18.91 -3.24 4.77
CA PRO B 228 -18.20 -4.45 5.23
C PRO B 228 -19.09 -5.69 5.30
N THR B 229 -20.41 -5.52 5.44
CA THR B 229 -21.34 -6.65 5.38
C THR B 229 -21.77 -6.99 3.97
N GLY B 230 -21.52 -6.12 3.00
CA GLY B 230 -21.79 -6.41 1.61
C GLY B 230 -22.92 -5.64 0.94
N VAL B 231 -23.37 -4.53 1.51
CA VAL B 231 -24.45 -3.73 0.94
C VAL B 231 -23.82 -2.76 -0.07
N PRO B 232 -24.20 -2.81 -1.34
CA PRO B 232 -23.62 -1.89 -2.32
C PRO B 232 -24.36 -0.55 -2.37
N TYR B 233 -23.57 0.49 -2.63
CA TYR B 233 -24.11 1.83 -2.84
C TYR B 233 -23.41 2.45 -4.03
N VAL B 234 -24.03 3.49 -4.59
CA VAL B 234 -23.46 4.25 -5.69
C VAL B 234 -23.29 5.68 -5.21
N VAL B 235 -22.08 6.21 -5.33
CA VAL B 235 -21.74 7.54 -4.84
C VAL B 235 -21.17 8.34 -6.00
N ALA B 236 -21.88 9.41 -6.40
CA ALA B 236 -21.45 10.30 -7.47
C ALA B 236 -21.12 11.64 -6.84
N VAL B 237 -19.84 12.01 -6.85
CA VAL B 237 -19.35 13.26 -6.27
C VAL B 237 -18.63 14.03 -7.36
N MET B 238 -19.10 15.24 -7.63
CA MET B 238 -18.51 16.12 -8.63
C MET B 238 -18.35 17.52 -8.04
N SER B 239 -17.36 18.25 -8.57
CA SER B 239 -17.09 19.60 -8.09
C SER B 239 -16.32 20.37 -9.13
N ASP B 240 -16.49 21.69 -9.11
CA ASP B 240 -15.67 22.59 -9.93
C ASP B 240 -15.46 23.88 -9.16
N ARG B 241 -14.57 24.72 -9.69
CA ARG B 241 -14.29 26.03 -9.12
C ARG B 241 -14.24 27.04 -10.28
N ALA B 242 -15.34 27.11 -11.04
CA ALA B 242 -15.36 27.92 -12.25
C ALA B 242 -15.08 29.40 -11.97
N GLY B 243 -15.47 29.87 -10.78
CA GLY B 243 -15.26 31.27 -10.46
C GLY B 243 -13.81 31.62 -10.27
N GLY B 244 -12.98 30.64 -9.92
CA GLY B 244 -11.56 30.86 -9.75
C GLY B 244 -10.79 31.02 -11.04
N GLY B 245 -11.44 30.82 -12.18
CA GLY B 245 -10.81 31.01 -13.48
C GLY B 245 -10.49 29.69 -14.15
N TYR B 246 -9.89 29.81 -15.34
CA TYR B 246 -9.49 28.63 -16.10
C TYR B 246 -8.41 27.84 -15.36
N ASP B 247 -7.44 28.53 -14.77
CA ASP B 247 -6.30 27.90 -14.10
C ASP B 247 -6.57 27.62 -12.63
N ALA B 248 -7.84 27.50 -12.24
CA ALA B 248 -8.16 27.22 -10.84
C ALA B 248 -7.69 25.82 -10.46
N GLU B 249 -7.12 25.70 -9.27
CA GLU B 249 -6.58 24.41 -8.82
C GLU B 249 -7.72 23.54 -8.32
N PRO B 250 -7.82 22.28 -8.76
CA PRO B 250 -8.82 21.39 -8.18
C PRO B 250 -8.42 20.95 -6.77
N ARG B 251 -9.42 20.75 -5.93
CA ARG B 251 -9.22 20.40 -4.52
C ARG B 251 -9.75 18.99 -4.28
N GLU B 252 -8.85 18.01 -4.29
CA GLU B 252 -9.25 16.63 -4.06
C GLU B 252 -9.72 16.41 -2.63
N ALA B 253 -9.24 17.22 -1.68
CA ALA B 253 -9.66 17.07 -0.29
C ALA B 253 -11.16 17.29 -0.12
N LEU B 254 -11.76 18.12 -0.99
CA LEU B 254 -13.20 18.33 -0.92
C LEU B 254 -13.96 17.04 -1.20
N LEU B 255 -13.56 16.32 -2.24
CA LEU B 255 -14.22 15.06 -2.57
C LEU B 255 -13.98 14.00 -1.50
N ALA B 256 -12.78 14.00 -0.90
CA ALA B 256 -12.51 13.03 0.17
C ALA B 256 -13.32 13.35 1.41
N GLU B 257 -13.43 14.63 1.76
CA GLU B 257 -14.23 15.02 2.92
C GLU B 257 -15.71 14.77 2.68
N ALA B 258 -16.20 15.09 1.49
CA ALA B 258 -17.61 14.83 1.19
C ALA B 258 -17.91 13.34 1.24
N ALA B 259 -16.99 12.52 0.76
CA ALA B 259 -17.19 11.07 0.80
C ALA B 259 -17.24 10.56 2.23
N THR B 260 -16.48 11.18 3.14
CA THR B 260 -16.54 10.77 4.54
C THR B 260 -17.88 11.12 5.17
N CYS B 261 -18.49 12.23 4.77
CA CYS B 261 -19.79 12.59 5.30
C CYS B 261 -20.86 11.60 4.86
N VAL B 262 -20.77 11.13 3.61
CA VAL B 262 -21.72 10.13 3.12
C VAL B 262 -21.54 8.81 3.87
N ALA B 263 -20.29 8.44 4.17
CA ALA B 263 -20.03 7.19 4.85
C ALA B 263 -20.67 7.17 6.24
N GLY B 264 -20.69 8.31 6.92
CA GLY B 264 -21.34 8.37 8.21
C GLY B 264 -22.83 8.12 8.13
N VAL B 265 -23.45 8.56 7.04
CA VAL B 265 -24.89 8.35 6.86
C VAL B 265 -25.19 6.91 6.50
N LEU B 266 -24.38 6.31 5.62
CA LEU B 266 -24.61 4.94 5.18
C LEU B 266 -24.20 3.91 6.22
N ALA B 267 -23.62 4.34 7.34
CA ALA B 267 -23.19 3.41 8.38
C ALA B 267 -24.35 3.01 9.28
N ASP C 3 -31.38 13.72 14.41
CA ASP C 3 -30.03 14.12 14.04
C ASP C 3 -29.08 12.94 14.09
N LEU C 4 -27.93 13.12 14.75
CA LEU C 4 -26.96 12.04 14.84
C LEU C 4 -27.32 11.02 15.91
N ALA C 5 -27.95 11.45 17.00
CA ALA C 5 -28.35 10.52 18.05
C ALA C 5 -29.41 9.54 17.59
N ASP C 6 -30.07 9.79 16.45
CA ASP C 6 -31.01 8.82 15.90
C ASP C 6 -30.29 7.65 15.27
N ARG C 7 -29.11 7.88 14.68
CA ARG C 7 -28.34 6.78 14.12
C ARG C 7 -27.82 5.87 15.23
N PHE C 8 -27.44 6.46 16.38
CA PHE C 8 -26.97 5.66 17.51
C PHE C 8 -28.08 4.75 18.04
N ALA C 9 -29.30 5.27 18.15
CA ALA C 9 -30.41 4.44 18.57
C ALA C 9 -30.77 3.42 17.49
N GLU C 10 -30.51 3.74 16.22
CA GLU C 10 -30.69 2.76 15.17
C GLU C 10 -29.66 1.65 15.29
N LEU C 11 -28.42 2.00 15.65
CA LEU C 11 -27.39 0.99 15.82
C LEU C 11 -27.66 0.15 17.06
N GLU C 12 -28.21 0.76 18.11
CA GLU C 12 -28.53 0.02 19.32
C GLU C 12 -29.57 -1.07 19.05
N ARG C 13 -30.65 -0.70 18.36
CA ARG C 13 -31.71 -1.68 18.07
C ARG C 13 -31.25 -2.72 17.07
N ARG C 14 -30.36 -2.36 16.14
CA ARG C 14 -29.92 -3.32 15.14
C ARG C 14 -28.97 -4.35 15.73
N TYR C 15 -27.95 -3.89 16.47
CA TYR C 15 -26.95 -4.78 17.05
C TYR C 15 -27.37 -5.34 18.40
N ASP C 16 -28.56 -4.98 18.90
CA ASP C 16 -29.09 -5.50 20.16
C ASP C 16 -28.15 -5.20 21.32
N ALA C 17 -27.78 -3.93 21.46
CA ALA C 17 -26.81 -3.55 22.47
C ALA C 17 -27.15 -2.18 23.02
N ARG C 18 -26.41 -1.78 24.05
CA ARG C 18 -26.50 -0.45 24.64
C ARG C 18 -25.21 0.28 24.31
N LEU C 19 -25.33 1.41 23.61
CA LEU C 19 -24.19 2.12 23.07
C LEU C 19 -23.95 3.41 23.86
N GLY C 20 -22.68 3.68 24.16
CA GLY C 20 -22.28 4.91 24.81
C GLY C 20 -21.18 5.60 24.04
N VAL C 21 -21.42 6.84 23.65
CA VAL C 21 -20.48 7.60 22.83
C VAL C 21 -20.27 8.97 23.47
N TYR C 22 -19.03 9.43 23.50
CA TYR C 22 -18.74 10.80 23.93
C TYR C 22 -17.51 11.30 23.19
N VAL C 23 -17.62 12.50 22.63
CA VAL C 23 -16.51 13.19 21.99
C VAL C 23 -16.41 14.58 22.60
N PRO C 24 -15.38 14.84 23.42
CA PRO C 24 -15.23 16.18 24.01
C PRO C 24 -15.20 17.26 22.93
N ALA C 25 -15.89 18.36 23.19
CA ALA C 25 -15.98 19.43 22.21
C ALA C 25 -14.63 20.12 22.04
N THR C 26 -14.30 20.44 20.80
CA THR C 26 -13.09 21.20 20.48
C THR C 26 -13.46 22.66 20.34
N GLY C 27 -12.48 23.48 19.95
CA GLY C 27 -12.74 24.89 19.73
C GLY C 27 -13.64 25.15 18.54
N THR C 28 -13.65 24.23 17.57
CA THR C 28 -14.41 24.37 16.34
C THR C 28 -15.68 23.54 16.31
N THR C 29 -15.64 22.32 16.85
CA THR C 29 -16.78 21.41 16.78
C THR C 29 -17.44 21.30 18.15
N ALA C 30 -18.69 20.84 18.12
CA ALA C 30 -19.48 20.63 19.33
C ALA C 30 -19.25 19.23 19.88
N ALA C 31 -19.72 19.01 21.10
CA ALA C 31 -19.52 17.73 21.75
C ALA C 31 -20.57 16.73 21.30
N ILE C 32 -20.14 15.50 21.07
CA ILE C 32 -21.04 14.40 20.71
C ILE C 32 -21.37 13.62 21.97
N GLU C 33 -22.66 13.41 22.22
CA GLU C 33 -23.11 12.74 23.43
C GLU C 33 -24.19 11.74 23.08
N TYR C 34 -24.05 10.52 23.60
CA TYR C 34 -25.10 9.52 23.53
C TYR C 34 -24.85 8.53 24.67
N ARG C 35 -25.72 8.56 25.69
CA ARG C 35 -25.51 7.81 26.93
C ARG C 35 -24.14 8.11 27.52
N ALA C 36 -23.68 9.36 27.33
CA ALA C 36 -22.32 9.72 27.68
C ALA C 36 -22.10 9.71 29.19
N ASP C 37 -23.14 9.99 29.98
CA ASP C 37 -23.03 10.00 31.43
C ASP C 37 -23.57 8.73 32.06
N GLU C 38 -23.85 7.70 31.25
CA GLU C 38 -24.24 6.40 31.77
C GLU C 38 -22.99 5.56 32.01
N ARG C 39 -23.08 4.69 33.03
CA ARG C 39 -21.93 3.91 33.44
C ARG C 39 -21.78 2.66 32.60
N PHE C 40 -20.59 2.46 32.07
CA PHE C 40 -20.20 1.22 31.42
C PHE C 40 -19.01 0.64 32.18
N ALA C 41 -18.80 -0.67 32.02
CA ALA C 41 -17.69 -1.31 32.72
C ALA C 41 -16.37 -0.86 32.12
N PHE C 42 -15.39 -0.61 33.00
CA PHE C 42 -14.05 -0.23 32.55
C PHE C 42 -13.50 -1.23 31.56
N CYS C 43 -13.50 -2.50 31.95
CA CYS C 43 -12.86 -3.60 31.21
C CYS C 43 -11.39 -3.22 31.03
N SER C 44 -10.76 -3.59 29.93
CA SER C 44 -9.33 -3.37 29.76
C SER C 44 -8.97 -1.91 29.53
N THR C 45 -9.94 -1.01 29.40
CA THR C 45 -9.62 0.38 29.14
C THR C 45 -8.94 1.06 30.32
N PHE C 46 -9.11 0.53 31.53
CA PHE C 46 -8.47 1.12 32.70
C PHE C 46 -6.94 1.01 32.65
N LYS C 47 -6.41 0.11 31.82
CA LYS C 47 -4.97 -0.04 31.74
C LYS C 47 -4.31 1.18 31.11
N ALA C 48 -5.08 1.99 30.36
CA ALA C 48 -4.50 3.19 29.79
C ALA C 48 -4.19 4.23 30.87
N PRO C 49 -5.15 4.66 31.70
CA PRO C 49 -4.78 5.56 32.81
C PRO C 49 -3.96 4.88 33.89
N LEU C 50 -3.95 3.54 33.93
CA LEU C 50 -3.11 2.84 34.89
C LEU C 50 -1.63 3.07 34.59
N VAL C 51 -1.24 2.94 33.31
CA VAL C 51 0.14 3.19 32.92
C VAL C 51 0.52 4.65 33.22
N ALA C 52 -0.37 5.58 32.90
CA ALA C 52 -0.09 6.99 33.19
C ALA C 52 0.10 7.22 34.69
N ALA C 53 -0.58 6.43 35.51
CA ALA C 53 -0.40 6.56 36.96
C ALA C 53 1.00 6.19 37.39
N VAL C 54 1.55 5.10 36.83
CA VAL C 54 2.90 4.70 37.19
C VAL C 54 3.91 5.75 36.74
N LEU C 55 3.72 6.29 35.54
CA LEU C 55 4.63 7.33 35.05
C LEU C 55 4.58 8.58 35.94
N HIS C 56 3.39 8.95 36.43
CA HIS C 56 3.25 10.24 37.11
C HIS C 56 3.94 10.25 38.47
N GLN C 57 3.73 9.23 39.29
CA GLN C 57 4.25 9.25 40.64
C GLN C 57 5.65 8.64 40.77
N ASN C 58 6.21 8.10 39.69
CA ASN C 58 7.50 7.43 39.80
C ASN C 58 8.48 8.08 38.84
N PRO C 59 9.76 8.11 39.18
CA PRO C 59 10.76 8.66 38.26
C PRO C 59 10.94 7.75 37.05
N LEU C 60 11.65 8.30 36.05
CA LEU C 60 11.87 7.56 34.82
C LEU C 60 12.74 6.32 35.05
N THR C 61 13.60 6.36 36.08
CA THR C 61 14.45 5.22 36.38
C THR C 61 13.66 4.04 36.95
N HIS C 62 12.45 4.28 37.45
CA HIS C 62 11.64 3.20 37.97
C HIS C 62 11.25 2.19 36.90
N LEU C 63 11.30 2.57 35.62
CA LEU C 63 10.93 1.66 34.55
C LEU C 63 11.92 0.51 34.37
N ASP C 64 13.13 0.63 34.93
CA ASP C 64 14.13 -0.43 34.85
C ASP C 64 14.03 -1.40 36.02
N LYS C 65 13.15 -1.16 36.98
CA LYS C 65 13.01 -2.05 38.13
C LYS C 65 12.44 -3.39 37.67
N LEU C 66 13.13 -4.47 38.03
CA LEU C 66 12.72 -5.81 37.62
C LEU C 66 11.73 -6.38 38.64
N ILE C 67 10.61 -6.89 38.14
CA ILE C 67 9.56 -7.46 38.97
C ILE C 67 9.50 -8.96 38.67
N THR C 68 9.62 -9.77 39.71
CA THR C 68 9.52 -11.23 39.57
C THR C 68 8.15 -11.71 40.04
N TYR C 69 7.65 -12.75 39.37
CA TYR C 69 6.33 -13.28 39.68
C TYR C 69 6.33 -14.78 39.43
N THR C 70 5.35 -15.45 40.02
CA THR C 70 5.20 -16.89 39.94
C THR C 70 4.09 -17.26 38.96
N SER C 71 4.00 -18.55 38.66
CA SER C 71 2.94 -19.05 37.79
C SER C 71 1.56 -18.90 38.43
N ASP C 72 1.49 -18.78 39.75
CA ASP C 72 0.19 -18.61 40.41
C ASP C 72 -0.38 -17.21 40.19
N ASP C 73 0.45 -16.25 39.78
CA ASP C 73 -0.02 -14.90 39.53
C ASP C 73 -0.69 -14.74 38.17
N ILE C 74 -0.41 -15.63 37.23
CA ILE C 74 -1.02 -15.55 35.90
C ILE C 74 -2.49 -15.95 35.99
N ARG C 75 -3.34 -14.97 36.26
CA ARG C 75 -4.78 -15.20 36.46
C ARG C 75 -5.59 -14.96 35.20
N SER C 76 -5.26 -13.94 34.42
CA SER C 76 -6.02 -13.55 33.25
C SER C 76 -5.21 -13.81 31.97
N ILE C 77 -5.80 -13.45 30.84
CA ILE C 77 -5.12 -13.61 29.55
C ILE C 77 -3.86 -12.78 29.56
N SER C 78 -2.71 -13.44 29.49
CA SER C 78 -1.41 -12.79 29.60
C SER C 78 -0.46 -13.37 28.56
N PRO C 79 -0.56 -12.89 27.31
CA PRO C 79 0.31 -13.45 26.25
C PRO C 79 1.77 -13.12 26.44
N VAL C 80 2.10 -12.09 27.21
CA VAL C 80 3.48 -11.68 27.42
C VAL C 80 3.98 -12.13 28.79
N ALA C 81 3.13 -12.06 29.82
CA ALA C 81 3.54 -12.46 31.15
C ALA C 81 3.75 -13.97 31.25
N GLN C 82 3.05 -14.75 30.42
CA GLN C 82 3.24 -16.20 30.45
C GLN C 82 4.62 -16.63 29.96
N GLN C 83 5.31 -15.78 29.20
CA GLN C 83 6.58 -16.14 28.61
C GLN C 83 7.79 -15.78 29.47
N HIS C 84 7.62 -14.93 30.48
CA HIS C 84 8.73 -14.43 31.29
C HIS C 84 8.54 -14.79 32.76
N VAL C 85 7.96 -15.98 33.02
CA VAL C 85 7.73 -16.41 34.39
C VAL C 85 9.03 -16.76 35.11
N GLN C 86 10.12 -16.94 34.38
CA GLN C 86 11.41 -17.27 34.98
C GLN C 86 12.41 -16.12 34.92
N THR C 87 12.46 -15.38 33.81
CA THR C 87 13.39 -14.26 33.71
C THR C 87 12.86 -13.01 34.41
N GLY C 88 11.54 -12.89 34.53
CA GLY C 88 10.94 -11.69 35.07
C GLY C 88 10.87 -10.57 34.05
N MET C 89 10.07 -9.56 34.37
CA MET C 89 9.85 -8.43 33.48
C MET C 89 10.01 -7.12 34.25
N THR C 90 10.58 -6.12 33.59
CA THR C 90 10.72 -4.82 34.20
C THR C 90 9.41 -4.05 34.09
N ILE C 91 9.25 -3.06 34.98
CA ILE C 91 8.03 -2.25 34.99
C ILE C 91 7.77 -1.66 33.61
N GLY C 92 8.84 -1.29 32.89
CA GLY C 92 8.66 -0.79 31.53
C GLY C 92 8.04 -1.83 30.62
N GLN C 93 8.54 -3.07 30.68
CA GLN C 93 7.95 -4.14 29.88
C GLN C 93 6.52 -4.42 30.31
N LEU C 94 6.22 -4.27 31.60
CA LEU C 94 4.85 -4.41 32.07
C LEU C 94 3.95 -3.34 31.46
N CYS C 95 4.49 -2.13 31.26
CA CYS C 95 3.72 -1.07 30.63
C CYS C 95 3.41 -1.39 29.17
N ASP C 96 4.43 -1.83 28.42
CA ASP C 96 4.23 -2.16 27.02
C ASP C 96 3.22 -3.30 26.86
N ALA C 97 3.29 -4.30 27.71
CA ALA C 97 2.37 -5.44 27.61
C ALA C 97 0.95 -5.04 28.00
N ALA C 98 0.81 -4.14 28.98
CA ALA C 98 -0.51 -3.75 29.44
C ALA C 98 -1.27 -2.90 28.44
N ILE C 99 -0.57 -2.21 27.53
CA ILE C 99 -1.22 -1.33 26.58
C ILE C 99 -1.41 -2.05 25.25
N ARG C 100 -0.30 -2.52 24.67
CA ARG C 100 -0.33 -3.02 23.29
C ARG C 100 -1.03 -4.37 23.20
N TYR C 101 -0.79 -5.27 24.14
CA TYR C 101 -1.39 -6.59 24.11
C TYR C 101 -2.47 -6.80 25.17
N SER C 102 -2.79 -5.77 25.95
CA SER C 102 -3.84 -5.86 26.97
C SER C 102 -3.58 -7.01 27.93
N ASP C 103 -2.32 -7.17 28.33
CA ASP C 103 -1.92 -8.28 29.19
C ASP C 103 -2.57 -8.16 30.56
N GLY C 104 -3.18 -9.27 31.02
CA GLY C 104 -3.87 -9.25 32.29
C GLY C 104 -2.93 -9.22 33.48
N THR C 105 -1.98 -10.16 33.54
CA THR C 105 -1.05 -10.19 34.66
C THR C 105 -0.16 -8.96 34.67
N ALA C 106 0.13 -8.38 33.51
CA ALA C 106 0.86 -7.12 33.47
C ALA C 106 0.09 -6.01 34.15
N ALA C 107 -1.24 -5.99 34.00
CA ALA C 107 -2.04 -4.96 34.65
C ALA C 107 -2.09 -5.16 36.16
N ASN C 108 -2.21 -6.41 36.61
CA ASN C 108 -2.26 -6.68 38.04
C ASN C 108 -0.95 -6.33 38.72
N LEU C 109 0.18 -6.54 38.04
CA LEU C 109 1.48 -6.21 38.63
C LEU C 109 1.66 -4.70 38.75
N LEU C 110 1.19 -3.94 37.76
CA LEU C 110 1.28 -2.49 37.84
C LEU C 110 0.36 -1.95 38.95
N LEU C 111 -0.83 -2.53 39.10
CA LEU C 111 -1.71 -2.15 40.20
C LEU C 111 -1.03 -2.38 41.54
N ALA C 112 -0.34 -3.52 41.69
CA ALA C 112 0.42 -3.77 42.91
C ALA C 112 1.56 -2.78 43.07
N ASP C 113 2.16 -2.36 41.95
CA ASP C 113 3.23 -1.35 42.03
C ASP C 113 2.68 -0.02 42.53
N LEU C 114 1.41 0.27 42.26
CA LEU C 114 0.79 1.46 42.83
C LEU C 114 0.71 1.36 44.35
N GLY C 115 0.55 0.15 44.88
CA GLY C 115 0.49 -0.08 46.31
C GLY C 115 -0.82 0.37 46.93
N GLY C 116 -1.01 0.06 48.20
CA GLY C 116 -2.19 0.51 48.91
C GLY C 116 -3.20 -0.60 49.16
N PRO C 117 -4.40 -0.20 49.59
CA PRO C 117 -5.44 -1.20 49.91
C PRO C 117 -6.04 -1.79 48.65
N GLY C 118 -6.58 -3.00 48.81
CA GLY C 118 -7.23 -3.67 47.70
C GLY C 118 -6.31 -3.97 46.55
N GLY C 119 -5.04 -4.26 46.82
CA GLY C 119 -4.11 -4.52 45.75
C GLY C 119 -3.80 -3.32 44.89
N GLY C 120 -4.04 -2.12 45.39
CA GLY C 120 -3.73 -0.90 44.68
C GLY C 120 -4.88 -0.28 43.93
N THR C 121 -6.07 -0.86 43.99
CA THR C 121 -7.23 -0.25 43.34
C THR C 121 -7.60 1.07 43.98
N ALA C 122 -7.42 1.19 45.30
CA ALA C 122 -7.71 2.45 45.97
C ALA C 122 -6.75 3.55 45.50
N ALA C 123 -5.48 3.19 45.27
CA ALA C 123 -4.53 4.18 44.80
C ALA C 123 -4.85 4.62 43.37
N PHE C 124 -5.35 3.69 42.54
CA PHE C 124 -5.66 4.03 41.15
C PHE C 124 -6.82 5.00 41.05
N THR C 125 -7.93 4.72 41.74
CA THR C 125 -9.04 5.67 41.74
C THR C 125 -8.60 7.02 42.30
N GLY C 126 -7.71 7.01 43.29
CA GLY C 126 -7.21 8.26 43.83
C GLY C 126 -6.50 9.08 42.77
N TYR C 127 -5.79 8.41 41.86
CA TYR C 127 -5.16 9.12 40.77
C TYR C 127 -6.19 9.68 39.80
N LEU C 128 -7.27 8.93 39.56
CA LEU C 128 -8.33 9.43 38.70
C LEU C 128 -9.02 10.65 39.32
N ARG C 129 -9.11 10.70 40.64
CA ARG C 129 -9.72 11.85 41.30
C ARG C 129 -8.88 13.11 41.14
N SER C 130 -7.55 12.99 41.08
CA SER C 130 -6.70 14.16 40.89
C SER C 130 -6.88 14.75 39.48
N LEU C 131 -7.33 13.95 38.52
CA LEU C 131 -7.64 14.45 37.18
C LEU C 131 -9.04 15.04 37.10
N GLY C 132 -9.75 15.13 38.22
CA GLY C 132 -11.09 15.69 38.25
C GLY C 132 -12.22 14.70 38.00
N ASP C 133 -11.92 13.42 37.85
CA ASP C 133 -12.93 12.41 37.56
C ASP C 133 -13.43 11.82 38.87
N THR C 134 -14.63 12.24 39.29
CA THR C 134 -15.23 11.76 40.52
C THR C 134 -16.31 10.71 40.28
N VAL C 135 -16.32 10.09 39.10
CA VAL C 135 -17.34 9.13 38.70
C VAL C 135 -16.77 7.73 38.61
N SER C 136 -15.63 7.57 37.94
CA SER C 136 -15.07 6.25 37.75
C SER C 136 -14.56 5.68 39.06
N ARG C 137 -14.38 4.36 39.08
CA ARG C 137 -13.92 3.66 40.27
C ARG C 137 -13.50 2.26 39.87
N LEU C 138 -12.37 1.81 40.42
CA LEU C 138 -11.88 0.45 40.21
C LEU C 138 -11.87 -0.27 41.54
N ASP C 139 -12.52 -1.42 41.61
CA ASP C 139 -12.65 -2.16 42.85
C ASP C 139 -11.99 -3.53 42.84
N ALA C 140 -11.91 -4.19 41.69
CA ALA C 140 -11.36 -5.53 41.58
C ALA C 140 -10.10 -5.51 40.71
N GLU C 141 -9.49 -6.68 40.58
CA GLU C 141 -8.35 -6.90 39.71
C GLU C 141 -8.76 -7.75 38.52
N GLU C 142 -7.78 -8.05 37.67
CA GLU C 142 -8.05 -8.94 36.55
C GLU C 142 -8.11 -10.39 37.02
N PRO C 143 -9.09 -11.18 36.53
CA PRO C 143 -10.10 -10.75 35.56
C PRO C 143 -11.46 -10.52 36.20
N GLU C 144 -11.50 -10.25 37.51
CA GLU C 144 -12.78 -10.09 38.19
C GLU C 144 -13.49 -8.81 37.77
N LEU C 145 -12.73 -7.77 37.42
CA LEU C 145 -13.32 -6.48 37.08
C LEU C 145 -14.15 -6.52 35.80
N ASN C 146 -14.07 -7.62 35.04
CA ASN C 146 -14.81 -7.75 33.79
C ASN C 146 -16.16 -8.44 33.95
N ARG C 147 -16.33 -9.23 35.01
CA ARG C 147 -17.51 -10.08 35.18
C ARG C 147 -18.51 -9.50 36.17
N ASP C 148 -18.46 -8.20 36.43
CA ASP C 148 -19.43 -7.61 37.34
C ASP C 148 -20.83 -7.64 36.72
N PRO C 149 -21.86 -7.84 37.51
CA PRO C 149 -23.22 -7.90 36.97
C PRO C 149 -23.69 -6.53 36.54
N PRO C 150 -24.65 -6.46 35.62
CA PRO C 150 -25.21 -5.16 35.23
C PRO C 150 -25.84 -4.46 36.41
N GLY C 151 -25.88 -3.14 36.34
CA GLY C 151 -26.39 -2.33 37.43
C GLY C 151 -25.42 -2.09 38.56
N ASP C 152 -24.38 -2.91 38.69
CA ASP C 152 -23.36 -2.72 39.72
C ASP C 152 -22.41 -1.62 39.30
N GLU C 153 -22.14 -0.69 40.21
CA GLU C 153 -21.27 0.44 39.93
C GLU C 153 -19.79 0.15 40.14
N ARG C 154 -19.45 -1.05 40.62
CA ARG C 154 -18.04 -1.38 40.81
C ARG C 154 -17.35 -1.60 39.47
N ASP C 155 -16.13 -1.07 39.35
CA ASP C 155 -15.30 -1.24 38.16
C ASP C 155 -15.97 -0.66 36.90
N THR C 156 -16.59 0.51 37.05
CA THR C 156 -17.27 1.15 35.94
C THR C 156 -16.78 2.59 35.77
N THR C 157 -16.91 3.08 34.53
CA THR C 157 -16.68 4.47 34.21
C THR C 157 -17.81 4.96 33.31
N THR C 158 -17.69 6.16 32.76
CA THR C 158 -18.65 6.65 31.79
C THR C 158 -17.89 7.19 30.59
N PRO C 159 -18.48 7.14 29.39
CA PRO C 159 -17.81 7.72 28.22
C PRO C 159 -17.44 9.18 28.40
N HIS C 160 -18.24 9.94 29.16
CA HIS C 160 -17.89 11.32 29.46
C HIS C 160 -16.64 11.39 30.33
N ALA C 161 -16.56 10.55 31.37
CA ALA C 161 -15.45 10.64 32.31
C ALA C 161 -14.16 10.12 31.72
N ILE C 162 -14.21 8.97 31.03
CA ILE C 162 -13.00 8.37 30.51
C ILE C 162 -12.43 9.20 29.36
N ALA C 163 -13.30 9.85 28.58
CA ALA C 163 -12.81 10.65 27.46
C ALA C 163 -11.99 11.85 27.94
N LEU C 164 -12.47 12.55 28.97
CA LEU C 164 -11.74 13.71 29.46
C LEU C 164 -10.44 13.30 30.14
N VAL C 165 -10.40 12.13 30.76
CA VAL C 165 -9.14 11.63 31.33
C VAL C 165 -8.14 11.40 30.21
N LEU C 166 -8.57 10.71 29.15
CA LEU C 166 -7.70 10.45 28.02
C LEU C 166 -7.26 11.74 27.35
N GLN C 167 -8.11 12.76 27.38
CA GLN C 167 -7.74 14.03 26.76
C GLN C 167 -6.58 14.69 27.48
N GLN C 168 -6.61 14.70 28.82
CA GLN C 168 -5.51 15.29 29.58
C GLN C 168 -4.25 14.45 29.50
N LEU C 169 -4.39 13.13 29.33
CA LEU C 169 -3.23 12.25 29.34
C LEU C 169 -2.49 12.30 28.01
N VAL C 170 -3.20 12.42 26.89
CA VAL C 170 -2.59 12.43 25.57
C VAL C 170 -2.40 13.84 25.04
N LEU C 171 -3.45 14.66 25.10
CA LEU C 171 -3.40 16.03 24.60
C LEU C 171 -2.98 17.04 25.67
N GLY C 172 -3.46 16.87 26.90
CA GLY C 172 -3.13 17.78 27.97
C GLY C 172 -1.78 17.50 28.60
N ASN C 173 -1.43 18.35 29.58
CA ASN C 173 -0.16 18.24 30.30
C ASN C 173 -0.33 17.58 31.66
N ALA C 174 -1.13 16.51 31.72
CA ALA C 174 -1.25 15.73 32.95
C ALA C 174 -0.01 14.88 33.21
N LEU C 175 0.91 14.82 32.26
CA LEU C 175 2.21 14.16 32.39
C LEU C 175 3.22 15.05 31.69
N PRO C 176 4.46 15.10 32.19
CA PRO C 176 5.49 15.84 31.48
C PRO C 176 5.76 15.20 30.13
N PRO C 177 6.19 15.99 29.14
CA PRO C 177 6.33 15.45 27.78
C PRO C 177 7.26 14.25 27.69
N ASP C 178 8.24 14.13 28.60
CA ASP C 178 9.13 12.98 28.56
C ASP C 178 8.37 11.68 28.80
N LYS C 179 7.42 11.70 29.74
CA LYS C 179 6.56 10.56 30.01
C LYS C 179 5.33 10.53 29.10
N ARG C 180 4.87 11.69 28.64
CA ARG C 180 3.73 11.74 27.73
C ARG C 180 4.02 11.04 26.41
N ALA C 181 5.26 11.13 25.92
CA ALA C 181 5.60 10.50 24.65
C ALA C 181 5.60 8.97 24.76
N LEU C 182 5.96 8.44 25.92
CA LEU C 182 5.97 6.99 26.11
C LEU C 182 4.56 6.42 26.04
N LEU C 183 3.62 7.08 26.70
CA LEU C 183 2.23 6.61 26.71
C LEU C 183 1.64 6.63 25.30
N THR C 184 1.87 7.71 24.56
CA THR C 184 1.28 7.85 23.23
C THR C 184 1.82 6.79 22.27
N ASP C 185 3.13 6.52 22.33
CA ASP C 185 3.71 5.55 21.41
C ASP C 185 3.19 4.15 21.69
N TRP C 186 2.93 3.82 22.95
CA TRP C 186 2.41 2.50 23.28
C TRP C 186 1.00 2.31 22.74
N MET C 187 0.15 3.33 22.87
CA MET C 187 -1.19 3.25 22.32
C MET C 187 -1.18 3.22 20.79
N ALA C 188 -0.19 3.86 20.17
CA ALA C 188 -0.12 3.89 18.71
C ALA C 188 0.20 2.52 18.13
N ARG C 189 0.96 1.71 18.87
CA ARG C 189 1.33 0.38 18.42
C ARG C 189 0.46 -0.71 19.04
N ASN C 190 -0.75 -0.36 19.46
CA ASN C 190 -1.67 -1.34 20.02
C ASN C 190 -2.00 -2.40 18.97
N THR C 191 -2.24 -3.63 19.44
CA THR C 191 -2.51 -4.75 18.56
C THR C 191 -3.90 -5.35 18.77
N THR C 192 -4.69 -4.82 19.70
CA THR C 192 -5.95 -5.43 20.08
C THR C 192 -7.17 -4.69 19.56
N GLY C 193 -6.99 -3.58 18.84
CA GLY C 193 -8.13 -2.79 18.43
C GLY C 193 -8.18 -2.41 16.97
N ALA C 194 -7.81 -3.35 16.08
CA ALA C 194 -7.80 -3.07 14.66
C ALA C 194 -9.19 -3.08 14.04
N LYS C 195 -10.19 -3.64 14.74
CA LYS C 195 -11.53 -3.81 14.19
C LYS C 195 -12.58 -2.96 14.89
N ARG C 196 -12.16 -1.90 15.60
CA ARG C 196 -13.10 -1.09 16.37
C ARG C 196 -12.99 0.35 15.85
N ILE C 197 -12.57 1.30 16.69
CA ILE C 197 -12.52 2.70 16.26
C ILE C 197 -11.56 2.87 15.09
N ARG C 198 -10.45 2.11 15.10
CA ARG C 198 -9.52 2.17 13.99
C ARG C 198 -10.19 1.78 12.67
N ALA C 199 -11.09 0.79 12.72
CA ALA C 199 -11.78 0.32 11.54
C ALA C 199 -12.91 1.24 11.09
N GLY C 200 -13.35 2.18 11.93
CA GLY C 200 -14.44 3.04 11.58
C GLY C 200 -14.03 4.35 10.90
N PHE C 201 -12.73 4.73 11.05
CA PHE C 201 -12.20 5.95 10.48
C PHE C 201 -11.42 5.68 9.20
N PRO C 202 -11.43 6.62 8.26
CA PRO C 202 -10.63 6.45 7.03
C PRO C 202 -9.16 6.29 7.33
N ALA C 203 -8.42 5.83 6.32
CA ALA C 203 -7.03 5.44 6.51
C ALA C 203 -6.14 6.64 6.80
N ASP C 204 -6.42 7.79 6.18
CA ASP C 204 -5.60 8.97 6.41
C ASP C 204 -5.86 9.65 7.75
N TRP C 205 -6.60 8.99 8.64
CA TRP C 205 -6.81 9.45 10.01
C TRP C 205 -5.92 8.63 10.94
N LYS C 206 -5.10 9.31 11.74
CA LYS C 206 -4.26 8.63 12.72
C LYS C 206 -5.08 8.29 13.95
N VAL C 207 -4.86 7.08 14.50
CA VAL C 207 -5.69 6.56 15.58
C VAL C 207 -4.79 5.85 16.59
N ILE C 208 -4.82 6.31 17.84
CA ILE C 208 -4.27 5.59 18.98
C ILE C 208 -5.43 5.21 19.89
N ASP C 209 -5.33 4.05 20.53
CA ASP C 209 -6.47 3.56 21.29
C ASP C 209 -6.02 2.52 22.31
N LYS C 210 -6.90 2.28 23.28
CA LYS C 210 -6.78 1.17 24.24
C LYS C 210 -8.15 0.54 24.39
N THR C 211 -8.26 -0.73 23.98
CA THR C 211 -9.56 -1.39 23.93
C THR C 211 -9.94 -1.95 25.30
N GLY C 212 -11.14 -2.50 25.35
CA GLY C 212 -11.66 -3.16 26.52
C GLY C 212 -12.74 -4.14 26.15
N THR C 213 -12.67 -5.36 26.68
CA THR C 213 -13.66 -6.38 26.41
C THR C 213 -13.92 -7.16 27.68
N GLY C 214 -15.18 -7.48 27.94
CA GLY C 214 -15.56 -8.26 29.10
C GLY C 214 -16.74 -9.16 28.84
N ASP C 215 -17.34 -9.68 29.90
CA ASP C 215 -18.53 -10.52 29.78
C ASP C 215 -19.75 -9.65 29.48
N TYR C 216 -20.91 -10.30 29.34
CA TYR C 216 -22.16 -9.63 29.01
C TYR C 216 -22.06 -8.87 27.69
N GLY C 217 -21.23 -9.36 26.77
CA GLY C 217 -21.06 -8.69 25.49
C GLY C 217 -20.46 -7.32 25.59
N ARG C 218 -19.61 -7.08 26.60
CA ARG C 218 -19.02 -5.76 26.80
C ARG C 218 -17.88 -5.53 25.81
N ALA C 219 -17.87 -4.35 25.20
CA ALA C 219 -16.83 -3.97 24.25
C ALA C 219 -16.65 -2.47 24.32
N ASN C 220 -15.47 -2.03 24.74
CA ASN C 220 -15.14 -0.62 24.84
C ASN C 220 -13.96 -0.30 23.93
N ASP C 221 -13.80 0.98 23.63
CA ASP C 221 -12.61 1.46 22.91
C ASP C 221 -12.50 2.95 23.14
N ILE C 222 -11.46 3.36 23.86
CA ILE C 222 -11.13 4.77 24.05
C ILE C 222 -9.98 5.10 23.12
N ALA C 223 -10.09 6.22 22.41
CA ALA C 223 -9.14 6.49 21.34
C ALA C 223 -8.88 7.99 21.25
N VAL C 224 -7.77 8.33 20.60
CA VAL C 224 -7.45 9.70 20.22
C VAL C 224 -7.14 9.69 18.73
N VAL C 225 -7.96 10.40 17.96
CA VAL C 225 -7.85 10.39 16.51
C VAL C 225 -7.36 11.75 16.03
N TRP C 226 -6.74 11.76 14.85
CA TRP C 226 -6.22 12.97 14.23
C TRP C 226 -6.78 13.11 12.83
N SER C 227 -7.34 14.27 12.52
CA SER C 227 -7.84 14.54 11.18
C SER C 227 -6.68 14.57 10.20
N PRO C 228 -6.94 14.39 8.90
CA PRO C 228 -5.85 14.43 7.92
C PRO C 228 -5.07 15.72 7.91
N THR C 229 -5.67 16.83 8.35
CA THR C 229 -4.96 18.09 8.48
C THR C 229 -4.24 18.23 9.82
N GLY C 230 -4.55 17.38 10.79
CA GLY C 230 -3.87 17.38 12.06
C GLY C 230 -4.68 17.83 13.26
N VAL C 231 -6.01 17.88 13.17
CA VAL C 231 -6.85 18.31 14.27
C VAL C 231 -7.12 17.08 15.15
N PRO C 232 -6.76 17.12 16.43
CA PRO C 232 -7.00 15.96 17.30
C PRO C 232 -8.38 15.99 17.92
N TYR C 233 -8.94 14.80 18.12
CA TYR C 233 -10.22 14.62 18.78
C TYR C 233 -10.10 13.45 19.76
N VAL C 234 -11.05 13.37 20.68
CA VAL C 234 -11.14 12.27 21.63
C VAL C 234 -12.46 11.56 21.41
N VAL C 235 -12.41 10.26 21.16
CA VAL C 235 -13.59 9.45 20.86
C VAL C 235 -13.65 8.31 21.86
N ALA C 236 -14.69 8.32 22.69
CA ALA C 236 -14.91 7.28 23.70
C ALA C 236 -16.16 6.50 23.31
N VAL C 237 -15.98 5.23 22.97
CA VAL C 237 -17.08 4.36 22.56
C VAL C 237 -17.10 3.14 23.48
N MET C 238 -18.21 2.93 24.17
CA MET C 238 -18.40 1.79 25.06
C MET C 238 -19.74 1.14 24.77
N SER C 239 -19.82 -0.16 25.04
CA SER C 239 -21.06 -0.89 24.77
C SER C 239 -21.10 -2.18 25.57
N ASP C 240 -22.32 -2.60 25.86
CA ASP C 240 -22.62 -3.90 26.45
C ASP C 240 -23.94 -4.37 25.87
N ARG C 241 -24.31 -5.62 26.16
CA ARG C 241 -25.56 -6.19 25.67
C ARG C 241 -26.31 -6.88 26.81
N ALA C 242 -26.66 -6.10 27.84
CA ALA C 242 -27.36 -6.67 28.98
C ALA C 242 -28.69 -7.27 28.52
N GLY C 243 -29.13 -8.29 29.24
CA GLY C 243 -30.33 -9.03 28.90
C GLY C 243 -30.05 -10.21 28.00
N GLY C 244 -28.98 -10.15 27.21
CA GLY C 244 -28.56 -11.28 26.40
C GLY C 244 -27.87 -12.37 27.20
N GLY C 245 -27.58 -12.09 28.47
CA GLY C 245 -27.00 -13.06 29.38
C GLY C 245 -25.54 -12.77 29.66
N TYR C 246 -24.98 -13.61 30.53
CA TYR C 246 -23.56 -13.53 30.87
C TYR C 246 -22.69 -13.87 29.67
N ASP C 247 -23.07 -14.91 28.92
CA ASP C 247 -22.29 -15.41 27.79
C ASP C 247 -22.66 -14.72 26.48
N ALA C 248 -23.21 -13.51 26.55
CA ALA C 248 -23.58 -12.79 25.34
C ALA C 248 -22.33 -12.42 24.54
N GLU C 249 -22.43 -12.55 23.23
CA GLU C 249 -21.29 -12.28 22.37
C GLU C 249 -21.12 -10.79 22.15
N PRO C 250 -19.93 -10.24 22.31
CA PRO C 250 -19.70 -8.83 21.97
C PRO C 250 -19.68 -8.63 20.47
N ARG C 251 -20.15 -7.46 20.04
CA ARG C 251 -20.27 -7.11 18.63
C ARG C 251 -19.32 -5.96 18.33
N GLU C 252 -18.15 -6.28 17.77
CA GLU C 252 -17.19 -5.25 17.42
C GLU C 252 -17.69 -4.35 16.30
N ALA C 253 -18.57 -4.88 15.43
CA ALA C 253 -19.10 -4.09 14.32
C ALA C 253 -19.87 -2.87 14.81
N LEU C 254 -20.45 -2.94 16.00
CA LEU C 254 -21.16 -1.79 16.55
C LEU C 254 -20.21 -0.63 16.81
N LEU C 255 -19.07 -0.92 17.43
CA LEU C 255 -18.09 0.13 17.70
C LEU C 255 -17.50 0.68 16.41
N ALA C 256 -17.30 -0.17 15.41
CA ALA C 256 -16.77 0.30 14.13
C ALA C 256 -17.79 1.15 13.39
N GLU C 257 -19.06 0.75 13.41
CA GLU C 257 -20.09 1.53 12.74
C GLU C 257 -20.32 2.87 13.44
N ALA C 258 -20.32 2.87 14.77
CA ALA C 258 -20.50 4.12 15.51
C ALA C 258 -19.36 5.08 15.25
N ALA C 259 -18.13 4.57 15.15
CA ALA C 259 -16.98 5.41 14.87
C ALA C 259 -17.09 6.05 13.49
N THR C 260 -17.70 5.36 12.53
CA THR C 260 -17.91 5.95 11.21
C THR C 260 -18.90 7.10 11.28
N CYS C 261 -19.91 7.01 12.15
CA CYS C 261 -20.84 8.12 12.32
C CYS C 261 -20.14 9.33 12.91
N VAL C 262 -19.19 9.11 13.82
CA VAL C 262 -18.43 10.22 14.38
C VAL C 262 -17.55 10.84 13.30
N ALA C 263 -16.94 10.01 12.46
CA ALA C 263 -16.07 10.54 11.40
C ALA C 263 -16.86 11.37 10.41
N GLY C 264 -18.11 10.99 10.13
CA GLY C 264 -18.92 11.79 9.22
C GLY C 264 -19.24 13.16 9.75
N VAL C 265 -19.39 13.30 11.06
CA VAL C 265 -19.71 14.60 11.65
C VAL C 265 -18.46 15.50 11.66
N LEU C 266 -17.31 14.93 12.02
CA LEU C 266 -16.06 15.68 12.12
C LEU C 266 -15.44 16.01 10.76
N ALA C 267 -16.01 15.55 9.66
CA ALA C 267 -15.45 15.83 8.34
C ALA C 267 -15.88 17.21 7.85
N ASP D 3 29.94 -17.77 -7.23
CA ASP D 3 30.57 -16.49 -6.91
C ASP D 3 29.58 -15.55 -6.22
N LEU D 4 28.37 -16.05 -5.97
CA LEU D 4 27.38 -15.29 -5.21
C LEU D 4 27.64 -15.35 -3.71
N ALA D 5 28.25 -16.45 -3.24
CA ALA D 5 28.55 -16.62 -1.82
C ALA D 5 29.54 -15.59 -1.29
N ASP D 6 30.20 -14.82 -2.16
CA ASP D 6 31.08 -13.76 -1.67
C ASP D 6 30.26 -12.62 -1.08
N ARG D 7 29.11 -12.31 -1.68
CA ARG D 7 28.23 -11.28 -1.14
C ARG D 7 27.57 -11.75 0.15
N PHE D 8 27.21 -13.04 0.21
CA PHE D 8 26.59 -13.58 1.42
C PHE D 8 27.53 -13.48 2.61
N ALA D 9 28.80 -13.84 2.43
CA ALA D 9 29.78 -13.73 3.49
C ALA D 9 30.07 -12.27 3.82
N GLU D 10 29.94 -11.39 2.84
CA GLU D 10 30.07 -9.95 3.12
C GLU D 10 28.90 -9.46 3.97
N LEU D 11 27.70 -9.98 3.72
CA LEU D 11 26.54 -9.58 4.50
C LEU D 11 26.58 -10.12 5.92
N GLU D 12 27.12 -11.33 6.09
CA GLU D 12 27.25 -11.89 7.43
C GLU D 12 28.14 -11.02 8.30
N ARG D 13 29.28 -10.57 7.74
CA ARG D 13 30.18 -9.68 8.48
C ARG D 13 29.53 -8.31 8.69
N ARG D 14 28.70 -7.86 7.75
CA ARG D 14 28.10 -6.54 7.85
C ARG D 14 27.01 -6.50 8.93
N TYR D 15 26.31 -7.61 9.16
CA TYR D 15 25.19 -7.63 10.07
C TYR D 15 25.47 -8.38 11.36
N ASP D 16 26.68 -8.94 11.53
CA ASP D 16 27.05 -9.69 12.73
C ASP D 16 26.09 -10.86 12.95
N ALA D 17 25.88 -11.65 11.88
CA ALA D 17 24.90 -12.72 11.93
C ALA D 17 25.41 -13.88 11.09
N ARG D 18 24.68 -15.00 11.18
CA ARG D 18 24.92 -16.18 10.37
C ARG D 18 23.74 -16.37 9.43
N LEU D 19 24.02 -16.39 8.12
CA LEU D 19 22.99 -16.40 7.10
C LEU D 19 22.92 -17.76 6.41
N GLY D 20 21.70 -18.24 6.19
CA GLY D 20 21.49 -19.49 5.46
C GLY D 20 20.50 -19.33 4.32
N VAL D 21 20.92 -19.66 3.09
CA VAL D 21 20.11 -19.45 1.89
C VAL D 21 20.10 -20.72 1.06
N TYR D 22 18.92 -21.06 0.52
CA TYR D 22 18.80 -22.16 -0.43
C TYR D 22 17.67 -21.86 -1.42
N VAL D 23 17.96 -22.05 -2.70
CA VAL D 23 16.97 -21.93 -3.76
C VAL D 23 17.02 -23.21 -4.61
N PRO D 24 16.02 -24.08 -4.54
CA PRO D 24 16.04 -25.30 -5.35
C PRO D 24 16.22 -25.00 -6.83
N ALA D 25 17.02 -25.83 -7.49
CA ALA D 25 17.31 -25.64 -8.91
C ALA D 25 16.06 -25.89 -9.75
N THR D 26 15.86 -25.05 -10.77
CA THR D 26 14.77 -25.24 -11.71
C THR D 26 15.27 -26.01 -12.92
N GLY D 27 14.40 -26.16 -13.94
CA GLY D 27 14.81 -26.84 -15.15
C GLY D 27 15.86 -26.08 -15.94
N THR D 28 15.90 -24.75 -15.79
CA THR D 28 16.80 -23.91 -16.55
C THR D 28 18.00 -23.42 -15.74
N THR D 29 17.80 -23.05 -14.49
CA THR D 29 18.86 -22.48 -13.65
C THR D 29 19.32 -23.48 -12.59
N ALA D 30 20.51 -23.21 -12.06
CA ALA D 30 21.12 -24.04 -11.03
C ALA D 30 20.67 -23.59 -9.64
N ALA D 31 20.96 -24.43 -8.65
CA ALA D 31 20.53 -24.17 -7.29
C ALA D 31 21.49 -23.21 -6.58
N ILE D 32 20.91 -22.30 -5.80
CA ILE D 32 21.69 -21.37 -4.98
C ILE D 32 21.78 -21.95 -3.57
N GLU D 33 22.99 -22.03 -3.03
CA GLU D 33 23.24 -22.63 -1.74
C GLU D 33 24.21 -21.76 -0.94
N TYR D 34 23.88 -21.52 0.32
CA TYR D 34 24.81 -20.85 1.24
C TYR D 34 24.43 -21.29 2.65
N ARG D 35 25.29 -22.10 3.28
CA ARG D 35 24.97 -22.76 4.55
C ARG D 35 23.66 -23.51 4.46
N ALA D 36 23.38 -24.06 3.27
CA ALA D 36 22.09 -24.67 3.01
C ALA D 36 21.86 -25.94 3.83
N ASP D 37 22.93 -26.64 4.21
CA ASP D 37 22.82 -27.85 5.00
C ASP D 37 23.15 -27.63 6.48
N GLU D 38 23.24 -26.38 6.92
CA GLU D 38 23.41 -26.04 8.32
C GLU D 38 22.05 -25.83 8.99
N ARG D 39 21.97 -26.15 10.28
CA ARG D 39 20.69 -26.12 10.99
C ARG D 39 20.39 -24.73 11.51
N PHE D 40 19.18 -24.25 11.20
CA PHE D 40 18.62 -23.03 11.77
C PHE D 40 17.32 -23.36 12.48
N ALA D 41 16.91 -22.48 13.39
CA ALA D 41 15.70 -22.72 14.16
C ALA D 41 14.45 -22.59 13.28
N PHE D 42 13.49 -23.49 13.49
CA PHE D 42 12.23 -23.44 12.77
C PHE D 42 11.54 -22.10 12.96
N CYS D 43 11.36 -21.69 14.21
CA CYS D 43 10.54 -20.51 14.56
C CYS D 43 9.14 -20.73 13.98
N SER D 44 8.45 -19.66 13.62
CA SER D 44 7.07 -19.78 13.18
C SER D 44 6.92 -20.31 11.76
N THR D 45 8.04 -20.57 11.05
CA THR D 45 7.95 -21.11 9.70
C THR D 45 7.35 -22.52 9.68
N PHE D 46 7.39 -23.23 10.81
CA PHE D 46 6.79 -24.55 10.87
C PHE D 46 5.28 -24.50 10.72
N LYS D 47 4.68 -23.33 10.89
CA LYS D 47 3.23 -23.20 10.78
C LYS D 47 2.73 -23.41 9.36
N ALA D 48 3.60 -23.25 8.35
CA ALA D 48 3.15 -23.50 6.98
C ALA D 48 2.93 -24.98 6.71
N PRO D 49 3.91 -25.87 6.91
CA PRO D 49 3.61 -27.30 6.73
C PRO D 49 2.68 -27.85 7.79
N LEU D 50 2.51 -27.16 8.92
CA LEU D 50 1.55 -27.61 9.92
C LEU D 50 0.14 -27.53 9.38
N VAL D 51 -0.21 -26.40 8.75
CA VAL D 51 -1.52 -26.29 8.12
C VAL D 51 -1.66 -27.34 7.03
N ALA D 52 -0.60 -27.53 6.23
CA ALA D 52 -0.64 -28.56 5.20
C ALA D 52 -0.81 -29.95 5.80
N ALA D 53 -0.26 -30.18 6.99
CA ALA D 53 -0.43 -31.47 7.66
C ALA D 53 -1.88 -31.69 8.07
N VAL D 54 -2.52 -30.66 8.63
CA VAL D 54 -3.93 -30.78 9.02
C VAL D 54 -4.80 -30.97 7.78
N LEU D 55 -4.52 -30.21 6.72
CA LEU D 55 -5.30 -30.35 5.48
C LEU D 55 -5.15 -31.75 4.89
N HIS D 56 -3.97 -32.34 5.01
CA HIS D 56 -3.72 -33.62 4.37
C HIS D 56 -4.49 -34.75 5.03
N GLN D 57 -4.53 -34.78 6.37
CA GLN D 57 -5.08 -35.90 7.11
C GLN D 57 -6.58 -35.80 7.32
N ASN D 58 -7.21 -34.70 6.96
CA ASN D 58 -8.63 -34.50 7.24
C ASN D 58 -9.38 -34.09 5.97
N PRO D 59 -10.65 -34.43 5.87
CA PRO D 59 -11.46 -33.94 4.74
C PRO D 59 -11.70 -32.45 4.87
N LEU D 60 -12.20 -31.86 3.78
CA LEU D 60 -12.42 -30.42 3.76
C LEU D 60 -13.49 -29.99 4.77
N THR D 61 -14.42 -30.90 5.09
CA THR D 61 -15.45 -30.58 6.06
C THR D 61 -14.92 -30.43 7.48
N HIS D 62 -13.72 -30.97 7.74
CA HIS D 62 -13.12 -30.84 9.07
C HIS D 62 -12.80 -29.38 9.40
N LEU D 63 -12.68 -28.51 8.40
CA LEU D 63 -12.35 -27.11 8.64
C LEU D 63 -13.47 -26.33 9.33
N ASP D 64 -14.69 -26.88 9.36
CA ASP D 64 -15.81 -26.23 10.02
C ASP D 64 -15.93 -26.61 11.49
N LYS D 65 -15.08 -27.51 11.98
CA LYS D 65 -15.16 -27.94 13.37
C LYS D 65 -14.75 -26.80 14.30
N LEU D 66 -15.61 -26.52 15.28
CA LEU D 66 -15.36 -25.43 16.22
C LEU D 66 -14.54 -25.94 17.40
N ILE D 67 -13.47 -25.22 17.71
CA ILE D 67 -12.57 -25.57 18.81
C ILE D 67 -12.69 -24.49 19.88
N THR D 68 -12.99 -24.91 21.10
CA THR D 68 -13.06 -24.00 22.24
C THR D 68 -11.79 -24.11 23.08
N TYR D 69 -11.39 -22.98 23.65
CA TYR D 69 -10.17 -22.93 24.44
C TYR D 69 -10.35 -21.90 25.56
N THR D 70 -9.52 -22.03 26.58
CA THR D 70 -9.59 -21.18 27.77
C THR D 70 -8.51 -20.13 27.76
N SER D 71 -8.60 -19.21 28.73
CA SER D 71 -7.61 -18.15 28.86
C SER D 71 -6.22 -18.69 29.20
N ASP D 72 -6.14 -19.90 29.77
CA ASP D 72 -4.85 -20.49 30.10
C ASP D 72 -4.12 -20.98 28.87
N ASP D 73 -4.81 -21.13 27.73
CA ASP D 73 -4.17 -21.59 26.51
C ASP D 73 -3.42 -20.47 25.79
N ILE D 74 -3.76 -19.22 26.04
CA ILE D 74 -3.05 -18.09 25.44
C ILE D 74 -1.69 -17.95 26.10
N ARG D 75 -0.69 -18.65 25.58
CA ARG D 75 0.66 -18.63 26.14
C ARG D 75 1.65 -17.80 25.34
N SER D 76 1.31 -17.40 24.12
CA SER D 76 2.20 -16.60 23.28
C SER D 76 1.39 -15.53 22.59
N ILE D 77 2.07 -14.73 21.77
CA ILE D 77 1.40 -13.66 21.02
C ILE D 77 0.38 -14.27 20.07
N SER D 78 -0.89 -13.96 20.30
CA SER D 78 -2.00 -14.54 19.53
C SER D 78 -2.98 -13.44 19.19
N PRO D 79 -2.71 -12.68 18.13
CA PRO D 79 -3.56 -11.51 17.82
C PRO D 79 -4.98 -11.88 17.41
N VAL D 80 -5.23 -13.11 16.96
CA VAL D 80 -6.56 -13.52 16.56
C VAL D 80 -7.21 -14.44 17.60
N ALA D 81 -6.42 -15.34 18.20
CA ALA D 81 -6.99 -16.26 19.18
C ALA D 81 -7.39 -15.54 20.46
N GLN D 82 -6.72 -14.43 20.78
CA GLN D 82 -7.07 -13.64 21.95
C GLN D 82 -8.44 -12.98 21.80
N GLN D 83 -8.92 -12.82 20.57
CA GLN D 83 -10.17 -12.11 20.33
C GLN D 83 -11.39 -13.03 20.31
N HIS D 84 -11.19 -14.35 20.22
CA HIS D 84 -12.29 -15.29 20.12
C HIS D 84 -12.24 -16.32 21.25
N VAL D 85 -11.80 -15.89 22.43
CA VAL D 85 -11.75 -16.83 23.56
C VAL D 85 -13.15 -17.19 24.02
N GLN D 86 -14.10 -16.26 23.90
CA GLN D 86 -15.49 -16.55 24.26
C GLN D 86 -16.21 -17.28 23.14
N THR D 87 -15.93 -16.91 21.89
CA THR D 87 -16.64 -17.48 20.74
C THR D 87 -16.03 -18.80 20.26
N GLY D 88 -14.73 -18.99 20.46
CA GLY D 88 -14.05 -20.14 19.89
C GLY D 88 -13.75 -19.91 18.42
N MET D 89 -12.87 -20.76 17.89
CA MET D 89 -12.44 -20.64 16.51
C MET D 89 -12.51 -21.99 15.81
N THR D 90 -12.88 -21.96 14.54
CA THR D 90 -12.91 -23.17 13.75
C THR D 90 -11.51 -23.50 13.25
N ILE D 91 -11.31 -24.78 12.91
CA ILE D 91 -10.01 -25.23 12.41
C ILE D 91 -9.58 -24.38 11.21
N GLY D 92 -10.52 -24.00 10.36
CA GLY D 92 -10.19 -23.13 9.24
C GLY D 92 -9.67 -21.77 9.69
N GLN D 93 -10.35 -21.17 10.67
CA GLN D 93 -9.90 -19.88 11.20
C GLN D 93 -8.55 -20.02 11.90
N LEU D 94 -8.31 -21.15 12.58
CA LEU D 94 -7.02 -21.37 13.21
C LEU D 94 -5.90 -21.42 12.18
N CYS D 95 -6.18 -22.01 11.01
CA CYS D 95 -5.19 -22.03 9.94
C CYS D 95 -4.90 -20.63 9.44
N ASP D 96 -5.95 -19.85 9.20
CA ASP D 96 -5.79 -18.47 8.71
C ASP D 96 -4.99 -17.63 9.69
N ALA D 97 -5.26 -17.77 10.98
CA ALA D 97 -4.52 -16.99 11.97
C ALA D 97 -3.09 -17.48 12.10
N ALA D 98 -2.86 -18.79 11.97
CA ALA D 98 -1.53 -19.34 12.15
C ALA D 98 -0.61 -18.96 11.01
N ILE D 99 -1.16 -18.68 9.83
CA ILE D 99 -0.36 -18.37 8.66
C ILE D 99 -0.25 -16.86 8.48
N ARG D 100 -1.40 -16.20 8.37
CA ARG D 100 -1.40 -14.78 8.00
C ARG D 100 -0.90 -13.90 9.14
N TYR D 101 -1.31 -14.20 10.37
CA TYR D 101 -0.90 -13.41 11.52
C TYR D 101 0.12 -14.13 12.39
N SER D 102 0.57 -15.31 11.97
CA SER D 102 1.59 -16.08 12.70
C SER D 102 1.16 -16.29 14.15
N ASP D 103 -0.13 -16.59 14.34
CA ASP D 103 -0.70 -16.74 15.67
C ASP D 103 -0.08 -17.94 16.37
N GLY D 104 0.40 -17.73 17.60
CA GLY D 104 1.03 -18.81 18.34
C GLY D 104 0.01 -19.81 18.85
N THR D 105 -1.04 -19.33 19.53
CA THR D 105 -2.04 -20.22 20.09
C THR D 105 -2.78 -20.98 19.00
N ALA D 106 -2.96 -20.39 17.81
CA ALA D 106 -3.55 -21.12 16.71
C ALA D 106 -2.68 -22.31 16.31
N ALA D 107 -1.35 -22.13 16.37
CA ALA D 107 -0.45 -23.23 16.03
C ALA D 107 -0.49 -24.34 17.08
N ASN D 108 -0.58 -23.97 18.36
CA ASN D 108 -0.62 -24.97 19.42
C ASN D 108 -1.89 -25.81 19.35
N LEU D 109 -3.01 -25.18 18.98
CA LEU D 109 -4.26 -25.93 18.84
C LEU D 109 -4.24 -26.84 17.64
N LEU D 110 -3.65 -26.39 16.53
CA LEU D 110 -3.53 -27.23 15.35
C LEU D 110 -2.63 -28.43 15.61
N LEU D 111 -1.55 -28.23 16.36
CA LEU D 111 -0.71 -29.36 16.76
C LEU D 111 -1.50 -30.35 17.61
N ALA D 112 -2.34 -29.85 18.52
CA ALA D 112 -3.19 -30.74 19.30
C ALA D 112 -4.20 -31.47 18.43
N ASP D 113 -4.70 -30.82 17.39
CA ASP D 113 -5.63 -31.48 16.48
C ASP D 113 -4.95 -32.62 15.74
N LEU D 114 -3.64 -32.51 15.51
CA LEU D 114 -2.90 -33.63 14.92
C LEU D 114 -2.90 -34.84 15.84
N GLY D 115 -2.91 -34.62 17.15
CA GLY D 115 -2.91 -35.70 18.12
C GLY D 115 -1.57 -36.39 18.26
N GLY D 116 -1.46 -37.28 19.24
CA GLY D 116 -0.26 -38.06 19.43
C GLY D 116 0.56 -37.60 20.61
N PRO D 117 1.78 -38.11 20.73
CA PRO D 117 2.64 -37.74 21.86
C PRO D 117 3.21 -36.35 21.71
N GLY D 118 3.52 -35.74 22.85
CA GLY D 118 4.09 -34.41 22.88
C GLY D 118 3.20 -33.35 22.30
N GLY D 119 1.88 -33.50 22.44
CA GLY D 119 0.94 -32.54 21.90
C GLY D 119 0.89 -32.49 20.39
N GLY D 120 1.38 -33.52 19.71
CA GLY D 120 1.34 -33.58 18.26
C GLY D 120 2.63 -33.17 17.57
N THR D 121 3.66 -32.79 18.34
CA THR D 121 4.94 -32.47 17.72
C THR D 121 5.57 -33.69 17.07
N ALA D 122 5.36 -34.88 17.64
CA ALA D 122 5.83 -36.10 17.01
C ALA D 122 5.08 -36.37 15.72
N ALA D 123 3.78 -36.10 15.71
CA ALA D 123 2.99 -36.31 14.50
C ALA D 123 3.38 -35.33 13.41
N PHE D 124 3.72 -34.10 13.78
CA PHE D 124 4.13 -33.12 12.79
C PHE D 124 5.44 -33.53 12.12
N THR D 125 6.43 -33.92 12.94
CA THR D 125 7.68 -34.43 12.39
C THR D 125 7.44 -35.65 11.51
N GLY D 126 6.48 -36.49 11.89
CA GLY D 126 6.14 -37.64 11.06
C GLY D 126 5.63 -37.24 9.69
N TYR D 127 4.90 -36.12 9.61
CA TYR D 127 4.41 -35.65 8.32
C TYR D 127 5.57 -35.20 7.43
N LEU D 128 6.55 -34.53 8.02
CA LEU D 128 7.72 -34.13 7.23
C LEU D 128 8.51 -35.34 6.77
N ARG D 129 8.56 -36.41 7.56
CA ARG D 129 9.29 -37.60 7.16
C ARG D 129 8.65 -38.25 5.95
N SER D 130 7.31 -38.23 5.88
CA SER D 130 6.62 -38.80 4.73
C SER D 130 6.82 -37.97 3.47
N LEU D 131 7.11 -36.68 3.61
CA LEU D 131 7.42 -35.83 2.48
C LEU D 131 8.87 -35.92 2.04
N GLY D 132 9.65 -36.83 2.62
CA GLY D 132 11.04 -36.97 2.27
C GLY D 132 12.00 -36.13 3.08
N ASP D 133 11.51 -35.41 4.09
CA ASP D 133 12.35 -34.54 4.91
C ASP D 133 12.87 -35.37 6.08
N THR D 134 14.15 -35.74 6.00
CA THR D 134 14.78 -36.59 7.01
C THR D 134 15.69 -35.82 7.96
N VAL D 135 15.59 -34.49 7.99
CA VAL D 135 16.48 -33.65 8.79
C VAL D 135 15.73 -32.91 9.89
N SER D 136 14.61 -32.27 9.53
CA SER D 136 13.91 -31.40 10.47
C SER D 136 13.29 -32.20 11.62
N ARG D 137 12.94 -31.48 12.67
CA ARG D 137 12.35 -32.06 13.86
C ARG D 137 11.72 -30.95 14.70
N LEU D 138 10.52 -31.19 15.20
CA LEU D 138 9.81 -30.28 16.09
C LEU D 138 9.63 -30.98 17.43
N ASP D 139 10.12 -30.36 18.50
CA ASP D 139 10.10 -30.98 19.83
C ASP D 139 9.25 -30.24 20.85
N ALA D 140 9.13 -28.93 20.74
CA ALA D 140 8.36 -28.14 21.70
C ALA D 140 7.20 -27.46 20.97
N GLU D 141 6.40 -26.75 21.75
CA GLU D 141 5.28 -25.95 21.25
C GLU D 141 5.63 -24.47 21.40
N GLU D 142 4.67 -23.62 21.06
CA GLU D 142 4.87 -22.20 21.25
C GLU D 142 4.69 -21.86 22.74
N PRO D 143 5.55 -21.00 23.30
CA PRO D 143 6.66 -20.34 22.63
C PRO D 143 8.04 -20.92 22.95
N GLU D 144 8.10 -22.18 23.40
CA GLU D 144 9.39 -22.74 23.80
C GLU D 144 10.30 -23.00 22.60
N LEU D 145 9.71 -23.32 21.44
CA LEU D 145 10.51 -23.67 20.26
C LEU D 145 11.32 -22.50 19.70
N ASN D 146 11.06 -21.27 20.14
CA ASN D 146 11.75 -20.12 19.62
C ASN D 146 12.97 -19.71 20.43
N ARG D 147 13.16 -20.29 21.62
CA ARG D 147 14.24 -19.90 22.52
C ARG D 147 15.16 -21.08 22.87
N ASP D 148 15.25 -22.06 21.97
CA ASP D 148 16.23 -23.13 22.14
C ASP D 148 17.64 -22.53 22.16
N PRO D 149 18.56 -23.11 22.95
CA PRO D 149 19.91 -22.58 22.99
C PRO D 149 20.65 -22.89 21.71
N PRO D 150 21.67 -22.10 21.36
CA PRO D 150 22.46 -22.42 20.16
C PRO D 150 23.14 -23.77 20.31
N GLY D 151 23.37 -24.43 19.17
CA GLY D 151 23.92 -25.76 19.16
C GLY D 151 22.94 -26.87 19.43
N ASP D 152 21.78 -26.57 20.01
CA ASP D 152 20.75 -27.58 20.24
C ASP D 152 19.99 -27.85 18.96
N GLU D 153 19.83 -29.14 18.63
CA GLU D 153 19.17 -29.55 17.40
C GLU D 153 17.66 -29.63 17.53
N ARG D 154 17.10 -29.39 18.71
CA ARG D 154 15.66 -29.44 18.88
C ARG D 154 15.00 -28.24 18.21
N ASP D 155 13.88 -28.50 17.53
CA ASP D 155 13.08 -27.47 16.86
C ASP D 155 13.88 -26.77 15.76
N THR D 156 14.65 -27.53 15.00
CA THR D 156 15.48 -26.97 13.94
C THR D 156 15.21 -27.67 12.61
N THR D 157 15.46 -26.94 11.54
CA THR D 157 15.45 -27.46 10.17
C THR D 157 16.68 -26.95 9.45
N THR D 158 16.76 -27.16 8.15
CA THR D 158 17.81 -26.55 7.34
C THR D 158 17.19 -25.87 6.14
N PRO D 159 17.81 -24.82 5.63
CA PRO D 159 17.28 -24.18 4.41
C PRO D 159 17.12 -25.14 3.25
N HIS D 160 17.97 -26.16 3.15
CA HIS D 160 17.79 -27.18 2.13
C HIS D 160 16.51 -27.97 2.35
N ALA D 161 16.24 -28.35 3.60
CA ALA D 161 15.09 -29.21 3.89
C ALA D 161 13.79 -28.44 3.81
N ILE D 162 13.74 -27.24 4.39
CA ILE D 162 12.48 -26.50 4.43
C ILE D 162 12.08 -26.03 3.04
N ALA D 163 13.05 -25.72 2.17
CA ALA D 163 12.71 -25.30 0.82
C ALA D 163 12.05 -26.43 0.04
N LEU D 164 12.58 -27.65 0.15
CA LEU D 164 12.03 -28.77 -0.59
C LEU D 164 10.65 -29.15 -0.08
N VAL D 165 10.39 -28.97 1.22
CA VAL D 165 9.05 -29.21 1.76
C VAL D 165 8.08 -28.21 1.16
N LEU D 166 8.45 -26.92 1.18
CA LEU D 166 7.58 -25.89 0.62
C LEU D 166 7.34 -26.09 -0.86
N GLN D 167 8.35 -26.62 -1.58
CA GLN D 167 8.17 -26.85 -3.01
C GLN D 167 7.13 -27.93 -3.27
N GLN D 168 7.17 -29.00 -2.47
CA GLN D 168 6.20 -30.08 -2.65
C GLN D 168 4.79 -29.64 -2.28
N LEU D 169 4.66 -28.73 -1.31
CA LEU D 169 3.34 -28.33 -0.85
C LEU D 169 2.68 -27.34 -1.80
N VAL D 170 3.45 -26.42 -2.36
CA VAL D 170 2.91 -25.36 -3.22
C VAL D 170 3.03 -25.71 -4.69
N LEU D 171 4.21 -26.11 -5.13
CA LEU D 171 4.44 -26.42 -6.54
C LEU D 171 4.19 -27.89 -6.87
N GLY D 172 4.59 -28.80 -5.97
CA GLY D 172 4.37 -30.22 -6.20
C GLY D 172 2.96 -30.63 -5.86
N ASN D 173 2.68 -31.92 -6.06
CA ASN D 173 1.35 -32.48 -5.82
C ASN D 173 1.28 -33.22 -4.49
N ALA D 174 1.87 -32.67 -3.44
CA ALA D 174 1.72 -33.24 -2.10
C ALA D 174 0.35 -32.96 -1.50
N LEU D 175 -0.46 -32.13 -2.15
CA LEU D 175 -1.82 -31.85 -1.73
C LEU D 175 -2.73 -31.81 -2.94
N PRO D 176 -3.99 -32.23 -2.80
CA PRO D 176 -4.93 -32.10 -3.90
C PRO D 176 -5.17 -30.63 -4.21
N PRO D 177 -5.50 -30.30 -5.47
CA PRO D 177 -5.59 -28.88 -5.85
C PRO D 177 -6.59 -28.08 -5.05
N ASP D 178 -7.68 -28.69 -4.58
CA ASP D 178 -8.63 -27.94 -3.77
C ASP D 178 -8.00 -27.52 -2.43
N LYS D 179 -7.20 -28.40 -1.84
CA LYS D 179 -6.50 -28.05 -0.60
C LYS D 179 -5.22 -27.28 -0.88
N ARG D 180 -4.60 -27.50 -2.05
CA ARG D 180 -3.41 -26.75 -2.42
C ARG D 180 -3.72 -25.26 -2.59
N ALA D 181 -4.91 -24.93 -3.08
CA ALA D 181 -5.29 -23.54 -3.28
C ALA D 181 -5.50 -22.81 -1.95
N LEU D 182 -5.96 -23.52 -0.92
CA LEU D 182 -6.18 -22.88 0.37
C LEU D 182 -4.87 -22.44 1.01
N LEU D 183 -3.86 -23.31 0.99
CA LEU D 183 -2.57 -22.96 1.58
C LEU D 183 -1.91 -21.81 0.82
N THR D 184 -1.96 -21.83 -0.51
CA THR D 184 -1.32 -20.78 -1.30
C THR D 184 -2.00 -19.44 -1.07
N ASP D 185 -3.33 -19.43 -0.99
CA ASP D 185 -4.04 -18.18 -0.76
C ASP D 185 -3.74 -17.61 0.62
N TRP D 186 -3.56 -18.47 1.61
CA TRP D 186 -3.25 -17.98 2.96
C TRP D 186 -1.87 -17.35 3.01
N MET D 187 -0.89 -17.99 2.37
CA MET D 187 0.45 -17.41 2.32
C MET D 187 0.49 -16.15 1.45
N ALA D 188 -0.42 -16.06 0.48
CA ALA D 188 -0.45 -14.89 -0.40
C ALA D 188 -0.90 -13.64 0.35
N ARG D 189 -1.76 -13.80 1.35
CA ARG D 189 -2.25 -12.68 2.14
C ARG D 189 -1.54 -12.54 3.48
N ASN D 190 -0.29 -13.03 3.56
CA ASN D 190 0.49 -12.88 4.78
C ASN D 190 0.71 -11.42 5.09
N THR D 191 0.77 -11.11 6.39
CA THR D 191 0.91 -9.73 6.85
C THR D 191 2.17 -9.48 7.66
N THR D 192 3.00 -10.49 7.91
CA THR D 192 4.13 -10.37 8.82
C THR D 192 5.47 -10.30 8.11
N GLY D 193 5.50 -10.36 6.78
CA GLY D 193 6.78 -10.42 6.09
C GLY D 193 6.93 -9.41 4.97
N ALA D 194 6.45 -8.19 5.19
CA ALA D 194 6.54 -7.16 4.17
C ALA D 194 7.95 -6.59 4.03
N LYS D 195 8.81 -6.77 5.02
CA LYS D 195 10.14 -6.19 5.04
C LYS D 195 11.25 -7.23 4.88
N ARG D 196 10.93 -8.40 4.33
CA ARG D 196 11.90 -9.49 4.20
C ARG D 196 12.00 -9.86 2.74
N ILE D 197 11.66 -11.09 2.36
CA ILE D 197 11.80 -11.52 0.97
C ILE D 197 10.94 -10.65 0.06
N ARG D 198 9.75 -10.25 0.54
CA ARG D 198 8.90 -9.37 -0.24
C ARG D 198 9.60 -8.06 -0.56
N ALA D 199 10.37 -7.53 0.39
CA ALA D 199 11.04 -6.25 0.21
C ALA D 199 12.30 -6.36 -0.64
N GLY D 200 12.83 -7.56 -0.85
CA GLY D 200 14.05 -7.72 -1.61
C GLY D 200 13.80 -7.93 -3.09
N PHE D 201 12.58 -8.30 -3.43
CA PHE D 201 12.21 -8.55 -4.81
C PHE D 201 11.44 -7.38 -5.40
N PRO D 202 11.58 -7.15 -6.71
CA PRO D 202 10.79 -6.09 -7.36
C PRO D 202 9.29 -6.33 -7.22
N ALA D 203 8.52 -5.27 -7.48
CA ALA D 203 7.09 -5.31 -7.22
C ALA D 203 6.36 -6.24 -8.16
N ASP D 204 6.80 -6.34 -9.42
CA ASP D 204 6.12 -7.19 -10.40
C ASP D 204 6.41 -8.67 -10.19
N TRP D 205 7.02 -9.04 -9.07
CA TRP D 205 7.20 -10.44 -8.70
C TRP D 205 6.17 -10.78 -7.64
N LYS D 206 5.44 -11.87 -7.85
CA LYS D 206 4.47 -12.33 -6.87
C LYS D 206 5.20 -13.11 -5.77
N VAL D 207 4.89 -12.79 -4.52
CA VAL D 207 5.58 -13.37 -3.37
C VAL D 207 4.55 -13.88 -2.37
N ILE D 208 4.62 -15.16 -2.07
CA ILE D 208 3.90 -15.76 -0.94
C ILE D 208 4.96 -16.24 0.05
N ASP D 209 4.69 -16.12 1.34
CA ASP D 209 5.74 -16.42 2.32
C ASP D 209 5.14 -16.71 3.68
N LYS D 210 5.98 -17.32 4.54
CA LYS D 210 5.69 -17.49 5.95
C LYS D 210 6.96 -17.19 6.74
N THR D 211 6.91 -16.15 7.58
CA THR D 211 8.09 -15.69 8.29
C THR D 211 8.30 -16.48 9.58
N GLY D 212 9.41 -16.19 10.25
CA GLY D 212 9.71 -16.76 11.54
C GLY D 212 10.71 -15.91 12.30
N THR D 213 10.42 -15.62 13.57
CA THR D 213 11.30 -14.83 14.41
C THR D 213 11.31 -15.39 15.82
N GLY D 214 12.49 -15.43 16.42
CA GLY D 214 12.65 -15.90 17.78
C GLY D 214 13.75 -15.15 18.50
N ASP D 215 14.21 -15.69 19.62
CA ASP D 215 15.32 -15.08 20.34
C ASP D 215 16.63 -15.37 19.63
N TYR D 216 17.73 -14.88 20.20
CA TYR D 216 19.06 -15.02 19.61
C TYR D 216 19.15 -14.38 18.22
N GLY D 217 18.38 -13.33 17.98
CA GLY D 217 18.41 -12.64 16.70
C GLY D 217 17.97 -13.48 15.52
N ARG D 218 17.05 -14.42 15.75
CA ARG D 218 16.60 -15.33 14.70
C ARG D 218 15.58 -14.63 13.79
N ALA D 219 15.76 -14.79 12.48
CA ALA D 219 14.83 -14.24 11.50
C ALA D 219 14.85 -15.13 10.27
N ASN D 220 13.73 -15.79 9.98
CA ASN D 220 13.60 -16.66 8.82
C ASN D 220 12.48 -16.14 7.91
N ASP D 221 12.50 -16.62 6.68
CA ASP D 221 11.41 -16.33 5.74
C ASP D 221 11.49 -17.36 4.61
N ILE D 222 10.51 -18.25 4.54
CA ILE D 222 10.39 -19.21 3.45
C ILE D 222 9.32 -18.70 2.49
N ALA D 223 9.62 -18.72 1.21
CA ALA D 223 8.75 -18.06 0.25
C ALA D 223 8.75 -18.82 -1.07
N VAL D 224 7.73 -18.54 -1.88
CA VAL D 224 7.64 -19.00 -3.26
C VAL D 224 7.40 -17.78 -4.12
N VAL D 225 8.33 -17.47 -5.02
CA VAL D 225 8.25 -16.27 -5.83
C VAL D 225 7.96 -16.64 -7.29
N TRP D 226 7.35 -15.71 -8.02
CA TRP D 226 7.01 -15.90 -9.41
C TRP D 226 7.59 -14.74 -10.22
N SER D 227 8.35 -15.08 -11.25
CA SER D 227 8.91 -14.07 -12.15
C SER D 227 7.78 -13.37 -12.90
N PRO D 228 8.03 -12.17 -13.42
CA PRO D 228 6.99 -11.46 -14.19
C PRO D 228 6.47 -12.25 -15.37
N THR D 229 7.25 -13.20 -15.91
CA THR D 229 6.77 -14.07 -16.97
C THR D 229 6.00 -15.27 -16.44
N GLY D 230 6.10 -15.55 -15.15
CA GLY D 230 5.34 -16.61 -14.52
C GLY D 230 6.11 -17.84 -14.07
N VAL D 231 7.43 -17.76 -13.96
CA VAL D 231 8.26 -18.89 -13.55
C VAL D 231 8.32 -18.90 -12.03
N PRO D 232 7.92 -19.99 -11.37
CA PRO D 232 7.99 -20.04 -9.90
C PRO D 232 9.34 -20.52 -9.40
N TYR D 233 9.74 -19.95 -8.26
CA TYR D 233 10.95 -20.34 -7.57
C TYR D 233 10.65 -20.49 -6.09
N VAL D 234 11.53 -21.19 -5.39
CA VAL D 234 11.43 -21.36 -3.94
C VAL D 234 12.67 -20.74 -3.30
N VAL D 235 12.45 -19.85 -2.35
CA VAL D 235 13.52 -19.11 -1.69
C VAL D 235 13.42 -19.35 -0.19
N ALA D 236 14.41 -20.02 0.38
CA ALA D 236 14.46 -20.28 1.82
C ALA D 236 15.63 -19.49 2.41
N VAL D 237 15.30 -18.49 3.22
CA VAL D 237 16.30 -17.63 3.84
C VAL D 237 16.10 -17.67 5.35
N MET D 238 17.15 -18.08 6.07
CA MET D 238 17.12 -18.16 7.51
C MET D 238 18.39 -17.52 8.07
N SER D 239 18.30 -17.01 9.30
CA SER D 239 19.45 -16.37 9.92
C SER D 239 19.25 -16.32 11.43
N ASP D 240 20.36 -16.29 12.15
CA ASP D 240 20.36 -16.05 13.59
C ASP D 240 21.60 -15.26 13.94
N ARG D 241 21.63 -14.78 15.19
CA ARG D 241 22.76 -14.04 15.74
C ARG D 241 23.02 -14.58 17.14
N ALA D 242 23.29 -15.89 17.21
CA ALA D 242 23.39 -16.57 18.50
C ALA D 242 24.50 -16.00 19.36
N GLY D 243 25.65 -15.69 18.76
CA GLY D 243 26.76 -15.14 19.52
C GLY D 243 26.46 -13.86 20.25
N GLY D 244 25.48 -13.09 19.76
CA GLY D 244 25.06 -11.86 20.41
C GLY D 244 24.25 -12.03 21.67
N GLY D 245 23.86 -13.26 21.99
CA GLY D 245 23.14 -13.56 23.22
C GLY D 245 21.67 -13.84 22.97
N TYR D 246 20.98 -14.12 24.08
CA TYR D 246 19.56 -14.41 24.02
C TYR D 246 18.76 -13.20 23.54
N ASP D 247 19.10 -12.00 24.02
CA ASP D 247 18.38 -10.78 23.70
C ASP D 247 18.88 -10.10 22.43
N ALA D 248 19.53 -10.84 21.53
CA ALA D 248 20.04 -10.24 20.31
C ALA D 248 18.89 -9.81 19.39
N GLU D 249 19.03 -8.62 18.81
CA GLU D 249 17.99 -8.08 17.94
C GLU D 249 18.09 -8.68 16.55
N PRO D 250 16.99 -9.16 15.98
CA PRO D 250 17.03 -9.64 14.59
C PRO D 250 17.13 -8.48 13.61
N ARG D 251 17.78 -8.75 12.48
CA ARG D 251 18.01 -7.74 11.44
C ARG D 251 17.23 -8.15 10.19
N GLU D 252 16.05 -7.56 10.00
CA GLU D 252 15.24 -7.89 8.83
C GLU D 252 15.89 -7.42 7.54
N ALA D 253 16.71 -6.36 7.60
CA ALA D 253 17.37 -5.88 6.40
C ALA D 253 18.28 -6.93 5.79
N LEU D 254 18.80 -7.84 6.63
CA LEU D 254 19.64 -8.91 6.11
C LEU D 254 18.88 -9.82 5.15
N LEU D 255 17.64 -10.18 5.52
CA LEU D 255 16.84 -11.04 4.65
C LEU D 255 16.44 -10.29 3.37
N ALA D 256 16.18 -8.99 3.48
CA ALA D 256 15.82 -8.21 2.29
C ALA D 256 17.02 -8.06 1.36
N GLU D 257 18.20 -7.81 1.93
CA GLU D 257 19.39 -7.66 1.10
C GLU D 257 19.76 -8.97 0.43
N ALA D 258 19.68 -10.09 1.17
CA ALA D 258 19.97 -11.38 0.57
C ALA D 258 18.97 -11.73 -0.51
N ALA D 259 17.70 -11.41 -0.29
CA ALA D 259 16.68 -11.69 -1.29
C ALA D 259 16.92 -10.89 -2.56
N THR D 260 17.46 -9.67 -2.44
CA THR D 260 17.79 -8.89 -3.62
C THR D 260 18.93 -9.52 -4.40
N CYS D 261 19.90 -10.12 -3.70
CA CYS D 261 20.97 -10.81 -4.38
C CYS D 261 20.46 -12.02 -5.14
N VAL D 262 19.48 -12.73 -4.56
CA VAL D 262 18.90 -13.89 -5.23
C VAL D 262 18.14 -13.46 -6.48
N ALA D 263 17.44 -12.32 -6.41
CA ALA D 263 16.66 -11.85 -7.56
C ALA D 263 17.56 -11.53 -8.75
N GLY D 264 18.76 -11.00 -8.49
CA GLY D 264 19.68 -10.71 -9.58
C GLY D 264 20.13 -11.96 -10.31
N VAL D 265 20.27 -13.07 -9.59
CA VAL D 265 20.68 -14.31 -10.23
C VAL D 265 19.52 -14.92 -11.02
N LEU D 266 18.32 -14.89 -10.45
CA LEU D 266 17.15 -15.46 -11.10
C LEU D 266 16.59 -14.59 -12.23
N ALA D 267 17.16 -13.41 -12.46
CA ALA D 267 16.68 -12.55 -13.54
C ALA D 267 17.29 -12.96 -14.87
P PO4 E . 9.79 7.84 -24.49
O1 PO4 E . 10.07 6.37 -24.20
O2 PO4 E . 8.32 8.05 -24.70
O3 PO4 E . 10.56 8.25 -25.73
O4 PO4 E . 10.26 8.67 -23.31
CG2 0RN F . 10.27 9.04 -31.71
CB 0RN F . 8.92 8.71 -31.05
CG1 0RN F . 7.80 9.39 -31.84
SAO 0RN F . 8.69 6.97 -31.11
OAE 0RN F . 7.26 6.70 -31.25
OAF 0RN F . 9.61 6.43 -32.11
CAK 0RN F . 9.19 6.40 -29.60
CAH 0RN F . 8.24 5.79 -28.55
CAJ 0RN F . 7.67 7.06 -28.11
OAD 0RN F . 6.90 7.49 -27.33
N 0RN F . 8.66 7.56 -29.07
CA 0RN F . 8.87 9.15 -29.67
C 0RN F . 10.03 9.74 -29.17
OXT 0RN F . 10.89 9.02 -28.60
O 0RN F . 10.20 10.98 -29.26
P PO4 G . -8.06 11.86 -14.15
O1 PO4 G . -6.85 10.95 -14.11
O2 PO4 G . -8.01 12.81 -12.99
O3 PO4 G . -8.05 12.64 -15.45
O4 PO4 G . -9.32 11.03 -14.06
C14 TSL H . -5.84 16.27 -20.15
C2 TSL H . -5.79 17.18 -18.89
S1 TSL H . -6.69 18.73 -19.27
O12 TSL H . -5.98 19.92 -20.17
O13 TSL H . -8.06 18.91 -18.77
C20 TSL H . -4.32 17.53 -18.57
C3 TSL H . -6.48 16.50 -17.70
C9 TSL H . -5.65 15.40 -17.04
O11 TSL H . -5.64 15.32 -15.77
O10 TSL H . -4.98 14.57 -17.70
N4 TSL H . -7.75 15.93 -18.15
C5 TSL H . -8.00 14.49 -18.01
C6 TSL H . -9.27 14.20 -18.24
C7 TSL H . -10.44 13.22 -18.38
O8 TSL H . -11.11 13.26 -19.36
P PO4 I . -9.15 -6.60 24.85
O1 PO4 I . -8.33 -7.87 24.78
O2 PO4 I . -8.24 -5.41 24.98
O3 PO4 I . -9.97 -6.48 23.57
O4 PO4 I . -10.09 -6.65 26.03
CG2 0RN J . -8.06 -10.34 29.34
CB 0RN J . -8.88 -9.50 28.37
CG1 0RN J . -8.10 -8.26 27.95
SAO 0RN J . -9.27 -10.48 26.98
OAE 0RN J . -10.06 -9.68 26.06
OAF 0RN J . -8.01 -11.10 26.52
CAK 0RN J . -10.27 -11.64 27.69
CAH 0RN J . -11.69 -11.96 27.24
CAJ 0RN J . -12.29 -10.72 27.76
OAD 0RN J . -13.34 -10.21 27.84
N 0RN J . -10.91 -10.54 28.23
CA 0RN J . -10.18 -9.16 28.94
C 0RN J . -10.21 -9.15 30.32
OXT 0RN J . -10.73 -10.10 30.97
O 0RN J . -9.71 -8.16 30.93
P PO4 K . 6.57 -13.82 13.13
O1 PO4 K . 8.07 -13.89 13.29
O2 PO4 K . 6.22 -12.55 12.37
O3 PO4 K . 6.11 -15.02 12.35
O4 PO4 K . 5.92 -13.80 14.49
C14 TSL L . 8.00 -12.65 20.18
C2 TSL L . 8.41 -13.90 19.38
S1 TSL L . 8.03 -15.39 20.38
O12 TSL L . 9.27 -16.23 21.09
O13 TSL L . 6.65 -15.84 20.55
C20 TSL L . 9.93 -13.86 19.10
C3 TSL L . 7.65 -13.98 18.03
C9 TSL L . 7.34 -12.57 17.53
O11 TSL L . 6.15 -12.15 17.53
O10 TSL L . 8.28 -11.83 17.09
N4 TSL L . 6.40 -14.69 18.20
C5 TSL L . 6.14 -15.96 17.49
C6 TSL L . 6.81 -16.08 16.34
C7 TSL L . 7.19 -16.85 15.07
O8 TSL L . 8.30 -17.25 14.94
#